data_2C8M
#
_entry.id   2C8M
#
_cell.length_a   53.377
_cell.length_b   117.882
_cell.length_c   105.663
_cell.angle_alpha   90.00
_cell.angle_beta   93.51
_cell.angle_gamma   90.00
#
_symmetry.space_group_name_H-M   'P 1 21 1'
#
loop_
_entity.id
_entity.type
_entity.pdbx_description
1 polymer 'LIPOATE-PROTEIN LIGASE A'
2 non-polymer 'LIPOIC ACID'
3 water water
#
_entity_poly.entity_id   1
_entity_poly.type   'polypeptide(L)'
_entity_poly.pdbx_seq_one_letter_code
;MEGRLLLLETPGNTRMSLAYDEAIYRSFQYGDKPILRFYRHDRSVIIGYFQVAEEEVDLDYMKKNGIMLARRYTGGGAVY
HDLGDLNFSVVRSSDDMDITSMFRTMNEAVVNSLRILGLDARPGELNDVSIPVNKKTDIMAGEKKIMGAAGAMRKGAKLW
HAAMLVHTDLDMLSAVLKVPDEKFRDKIAKSTRERVANVTDFVDVSIDEVRNALIRGFSETLHIDFREDTITEKEESLAR
ELFDKKYSTEEWNMGLLRKEVV
;
_entity_poly.pdbx_strand_id   A,B,C,D
#
# COMPACT_ATOMS: atom_id res chain seq x y z
N MET A 1 -16.04 -25.26 3.78
CA MET A 1 -17.26 -24.56 4.28
C MET A 1 -17.93 -23.85 3.11
N GLU A 2 -19.26 -23.83 3.06
CA GLU A 2 -19.95 -23.18 1.95
C GLU A 2 -20.15 -21.69 2.18
N GLY A 3 -19.85 -20.89 1.16
CA GLY A 3 -20.11 -19.46 1.21
C GLY A 3 -21.20 -19.04 0.24
N ARG A 4 -21.57 -17.76 0.30
CA ARG A 4 -22.51 -17.19 -0.66
C ARG A 4 -21.77 -16.27 -1.64
N LEU A 5 -21.92 -16.53 -2.93
CA LEU A 5 -21.37 -15.64 -3.95
C LEU A 5 -22.51 -14.76 -4.46
N LEU A 6 -22.43 -13.45 -4.20
CA LEU A 6 -23.49 -12.53 -4.61
C LEU A 6 -23.02 -11.67 -5.77
N LEU A 7 -23.59 -11.89 -6.94
CA LEU A 7 -23.26 -11.10 -8.12
C LEU A 7 -24.20 -9.90 -8.26
N LEU A 8 -24.09 -8.96 -7.34
CA LEU A 8 -25.20 -8.08 -7.00
C LEU A 8 -24.80 -6.61 -7.16
N GLU A 9 -25.29 -5.99 -8.23
CA GLU A 9 -24.67 -4.77 -8.75
C GLU A 9 -25.72 -3.83 -9.32
N THR A 10 -25.63 -2.56 -8.94
CA THR A 10 -26.55 -1.54 -9.46
C THR A 10 -25.65 -0.44 -10.01
N PRO A 11 -25.01 -0.71 -11.15
CA PRO A 11 -23.95 0.18 -11.68
C PRO A 11 -24.43 1.61 -11.92
N GLY A 12 -25.71 1.78 -12.25
CA GLY A 12 -26.27 3.10 -12.53
C GLY A 12 -26.68 3.85 -11.29
N ASN A 13 -26.47 3.24 -10.11
CA ASN A 13 -26.71 3.92 -8.84
C ASN A 13 -25.76 3.44 -7.76
N THR A 14 -24.62 4.12 -7.69
CA THR A 14 -23.56 3.79 -6.75
C THR A 14 -24.04 3.89 -5.32
N ARG A 15 -24.85 4.90 -5.04
CA ARG A 15 -25.36 5.07 -3.67
C ARG A 15 -26.15 3.85 -3.22
N MET A 16 -26.96 3.30 -4.12
CA MET A 16 -27.72 2.10 -3.80
C MET A 16 -26.77 0.91 -3.64
N SER A 17 -25.77 0.82 -4.51
CA SER A 17 -24.77 -0.24 -4.41
C SER A 17 -24.14 -0.24 -3.01
N LEU A 18 -23.81 0.96 -2.52
CA LEU A 18 -23.18 1.06 -1.19
C LEU A 18 -24.15 0.72 -0.08
N ALA A 19 -25.44 1.05 -0.29
CA ALA A 19 -26.47 0.65 0.66
C ALA A 19 -26.56 -0.87 0.74
N TYR A 20 -26.46 -1.54 -0.39
CA TYR A 20 -26.47 -3.00 -0.44
C TYR A 20 -25.32 -3.58 0.38
N ASP A 21 -24.25 -2.82 0.52
CA ASP A 21 -22.97 -3.37 0.95
C ASP A 21 -22.81 -3.27 2.48
N GLU A 22 -23.33 -2.19 3.04
CA GLU A 22 -23.53 -2.11 4.48
C GLU A 22 -24.67 -3.02 4.92
N ALA A 23 -25.70 -3.12 4.08
CA ALA A 23 -26.86 -3.95 4.39
C ALA A 23 -26.45 -5.40 4.64
N ILE A 24 -25.64 -5.95 3.75
CA ILE A 24 -25.16 -7.33 3.89
C ILE A 24 -24.22 -7.47 5.08
N TYR A 25 -23.40 -6.45 5.31
CA TYR A 25 -22.50 -6.43 6.46
C TYR A 25 -23.28 -6.45 7.77
N ARG A 26 -24.31 -5.61 7.86
CA ARG A 26 -24.97 -5.34 9.13
C ARG A 26 -26.02 -6.40 9.44
N SER A 27 -26.55 -7.03 8.39
CA SER A 27 -27.49 -8.14 8.55
C SER A 27 -26.79 -9.41 9.01
N PHE A 28 -25.46 -9.46 8.81
CA PHE A 28 -24.71 -10.68 9.09
C PHE A 28 -24.81 -11.04 10.59
N GLN A 29 -25.09 -12.32 10.86
CA GLN A 29 -25.07 -12.85 12.23
C GLN A 29 -23.92 -13.86 12.35
N TYR A 30 -23.22 -13.82 13.48
CA TYR A 30 -22.08 -14.68 13.68
C TYR A 30 -22.50 -16.10 13.32
N GLY A 31 -21.68 -16.80 12.55
CA GLY A 31 -22.00 -18.16 12.09
C GLY A 31 -22.72 -18.29 10.76
N ASP A 32 -23.13 -17.15 10.19
CA ASP A 32 -23.69 -17.13 8.85
C ASP A 32 -22.67 -17.59 7.81
N LYS A 33 -23.16 -18.05 6.66
CA LYS A 33 -22.31 -18.28 5.50
C LYS A 33 -21.54 -17.03 5.12
N PRO A 34 -20.21 -17.14 5.08
CA PRO A 34 -19.36 -16.06 4.60
C PRO A 34 -19.75 -15.60 3.20
N ILE A 35 -19.68 -14.30 2.96
CA ILE A 35 -20.21 -13.72 1.73
C ILE A 35 -19.09 -13.14 0.87
N LEU A 36 -19.13 -13.43 -0.43
CA LEU A 36 -18.26 -12.77 -1.40
C LEU A 36 -19.13 -12.12 -2.46
N ARG A 37 -19.08 -10.79 -2.56
CA ARG A 37 -19.97 -10.04 -3.45
C ARG A 37 -19.13 -9.34 -4.51
N PHE A 38 -19.53 -9.43 -5.79
CA PHE A 38 -18.87 -8.71 -6.87
C PHE A 38 -19.76 -7.63 -7.47
N TYR A 39 -19.21 -6.46 -7.78
CA TYR A 39 -20.06 -5.39 -8.27
C TYR A 39 -19.26 -4.32 -8.97
N ARG A 40 -19.92 -3.62 -9.88
CA ARG A 40 -19.31 -2.47 -10.56
C ARG A 40 -20.15 -1.24 -10.36
N HIS A 41 -19.50 -0.09 -10.49
CA HIS A 41 -20.15 1.22 -10.44
C HIS A 41 -19.81 1.97 -11.71
N ASP A 42 -20.80 2.60 -12.33
CA ASP A 42 -20.52 3.55 -13.38
C ASP A 42 -19.71 4.71 -12.77
N ARG A 43 -19.30 5.65 -13.62
CA ARG A 43 -18.51 6.82 -13.23
C ARG A 43 -18.98 7.33 -11.85
N SER A 44 -18.04 7.41 -10.91
CA SER A 44 -18.34 7.69 -9.51
C SER A 44 -17.07 7.99 -8.77
N VAL A 45 -17.14 8.91 -7.80
CA VAL A 45 -16.08 9.03 -6.84
C VAL A 45 -16.64 8.57 -5.49
N ILE A 46 -15.98 7.60 -4.86
CA ILE A 46 -16.43 7.13 -3.56
C ILE A 46 -15.45 7.64 -2.51
N ILE A 47 -15.91 8.45 -1.57
CA ILE A 47 -15.04 8.93 -0.50
C ILE A 47 -15.23 8.11 0.77
N GLY A 48 -14.19 8.09 1.61
CA GLY A 48 -14.26 7.46 2.91
C GLY A 48 -15.33 8.07 3.80
N TYR A 49 -15.81 7.27 4.74
CA TYR A 49 -16.84 7.71 5.67
C TYR A 49 -16.47 9.04 6.36
N PHE A 50 -15.21 9.22 6.70
CA PHE A 50 -14.77 10.36 7.55
C PHE A 50 -14.23 11.54 6.74
N GLN A 51 -14.34 11.47 5.41
CA GLN A 51 -13.68 12.48 4.57
C GLN A 51 -14.48 13.74 4.31
N VAL A 52 -13.78 14.86 4.14
CA VAL A 52 -14.40 16.11 3.73
C VAL A 52 -14.35 16.14 2.19
N ALA A 53 -15.52 16.07 1.57
CA ALA A 53 -15.59 15.91 0.12
C ALA A 53 -14.67 16.89 -0.60
N GLU A 54 -14.80 18.17 -0.27
CA GLU A 54 -14.18 19.24 -1.05
C GLU A 54 -12.69 19.33 -0.76
N GLU A 55 -12.23 18.56 0.21
CA GLU A 55 -10.80 18.44 0.49
C GLU A 55 -10.16 17.34 -0.34
N GLU A 56 -10.97 16.39 -0.80
CA GLU A 56 -10.46 15.16 -1.38
C GLU A 56 -10.74 15.04 -2.87
N VAL A 57 -11.71 15.79 -3.36
CA VAL A 57 -12.05 15.67 -4.77
C VAL A 57 -12.39 17.01 -5.41
N ASP A 58 -12.35 17.04 -6.73
CA ASP A 58 -12.68 18.23 -7.48
C ASP A 58 -14.18 18.22 -7.78
N LEU A 59 -14.96 18.81 -6.87
CA LEU A 59 -16.41 18.66 -6.89
C LEU A 59 -17.02 19.39 -8.09
N ASP A 60 -16.33 20.42 -8.58
CA ASP A 60 -16.79 21.18 -9.72
C ASP A 60 -16.56 20.42 -11.03
N TYR A 61 -15.37 19.86 -11.17
CA TYR A 61 -15.08 18.95 -12.28
C TYR A 61 -16.06 17.77 -12.29
N MET A 62 -16.32 17.20 -11.11
CA MET A 62 -17.21 16.05 -11.02
C MET A 62 -18.62 16.35 -11.50
N LYS A 63 -19.18 17.47 -11.04
CA LYS A 63 -20.55 17.85 -11.42
C LYS A 63 -20.60 18.15 -12.90
N LYS A 64 -19.63 18.94 -13.36
CA LYS A 64 -19.50 19.31 -14.77
C LYS A 64 -19.51 18.06 -15.65
N ASN A 65 -18.87 16.99 -15.18
CA ASN A 65 -18.71 15.75 -15.95
C ASN A 65 -19.65 14.59 -15.62
N GLY A 66 -20.68 14.85 -14.82
CA GLY A 66 -21.68 13.84 -14.54
C GLY A 66 -21.13 12.64 -13.79
N ILE A 67 -20.24 12.92 -12.84
CA ILE A 67 -19.68 11.88 -11.99
C ILE A 67 -20.30 11.91 -10.60
N MET A 68 -20.96 10.82 -10.22
CA MET A 68 -21.65 10.75 -8.94
C MET A 68 -20.66 10.77 -7.77
N LEU A 69 -20.96 11.57 -6.76
CA LEU A 69 -20.32 11.45 -5.47
C LEU A 69 -21.09 10.47 -4.57
N ALA A 70 -20.36 9.56 -3.92
CA ALA A 70 -20.97 8.62 -2.99
C ALA A 70 -20.02 8.40 -1.81
N ARG A 71 -20.56 8.46 -0.61
CA ARG A 71 -19.75 8.22 0.60
C ARG A 71 -20.00 6.79 1.04
N ARG A 72 -18.94 6.02 1.29
CA ARG A 72 -19.14 4.64 1.77
C ARG A 72 -19.08 4.58 3.27
N TYR A 73 -19.34 3.42 3.83
CA TYR A 73 -19.44 3.37 5.29
C TYR A 73 -18.10 3.02 5.94
N THR A 74 -17.13 2.55 5.16
CA THR A 74 -15.79 2.30 5.70
C THR A 74 -14.95 3.55 5.61
N GLY A 75 -13.92 3.63 6.42
CA GLY A 75 -12.97 4.72 6.33
C GLY A 75 -12.04 4.55 5.14
N GLY A 76 -10.91 5.23 5.16
CA GLY A 76 -10.04 5.19 4.01
C GLY A 76 -10.18 6.40 3.11
N GLY A 77 -9.46 6.38 2.00
CA GLY A 77 -9.41 7.51 1.09
C GLY A 77 -10.36 7.41 -0.10
N ALA A 78 -10.28 8.41 -0.97
CA ALA A 78 -11.21 8.59 -2.06
C ALA A 78 -10.73 7.83 -3.28
N VAL A 79 -11.66 7.26 -4.02
CA VAL A 79 -11.34 6.50 -5.21
C VAL A 79 -12.30 6.77 -6.35
N TYR A 80 -11.82 6.61 -7.57
CA TYR A 80 -12.65 6.81 -8.75
C TYR A 80 -12.98 5.47 -9.34
N HIS A 81 -14.27 5.25 -9.61
CA HIS A 81 -14.74 4.02 -10.23
C HIS A 81 -15.38 4.28 -11.58
N ASP A 82 -15.20 3.34 -12.50
CA ASP A 82 -16.07 3.28 -13.66
C ASP A 82 -16.27 1.79 -13.99
N LEU A 83 -16.83 1.48 -15.15
CA LEU A 83 -17.19 0.09 -15.44
C LEU A 83 -15.93 -0.76 -15.67
N GLY A 84 -14.77 -0.12 -15.70
CA GLY A 84 -13.50 -0.83 -15.80
C GLY A 84 -12.91 -1.23 -14.45
N ASP A 85 -13.60 -0.86 -13.38
CA ASP A 85 -13.17 -1.17 -12.05
C ASP A 85 -14.06 -2.28 -11.48
N LEU A 86 -13.43 -3.34 -10.99
CA LEU A 86 -14.17 -4.45 -10.40
C LEU A 86 -14.11 -4.31 -8.88
N ASN A 87 -15.28 -4.21 -8.23
CA ASN A 87 -15.27 -4.15 -6.77
C ASN A 87 -15.73 -5.46 -6.18
N PHE A 88 -15.26 -5.75 -4.98
CA PHE A 88 -15.70 -6.94 -4.27
C PHE A 88 -15.59 -6.77 -2.78
N SER A 89 -16.48 -7.46 -2.07
CA SER A 89 -16.64 -7.31 -0.62
C SER A 89 -16.65 -8.72 -0.03
N VAL A 90 -16.03 -8.89 1.13
CA VAL A 90 -16.04 -10.15 1.85
C VAL A 90 -16.51 -9.89 3.28
N VAL A 91 -17.57 -10.58 3.67
CA VAL A 91 -18.11 -10.49 5.03
C VAL A 91 -18.02 -11.90 5.65
N ARG A 92 -17.39 -11.97 6.82
CA ARG A 92 -17.22 -13.25 7.53
C ARG A 92 -17.47 -13.10 9.04
N SER A 93 -17.72 -14.22 9.70
CA SER A 93 -17.79 -14.22 11.16
C SER A 93 -16.44 -13.83 11.70
N SER A 94 -16.42 -13.26 12.90
CA SER A 94 -15.19 -12.80 13.49
C SER A 94 -15.18 -13.08 15.00
N ASP A 95 -14.03 -13.50 15.49
CA ASP A 95 -13.83 -13.83 16.91
C ASP A 95 -12.86 -12.85 17.56
N ASP A 96 -12.49 -11.81 16.83
CA ASP A 96 -11.47 -10.87 17.29
C ASP A 96 -11.55 -9.55 16.54
N MET A 97 -10.80 -8.55 17.02
CA MET A 97 -10.76 -7.25 16.38
C MET A 97 -9.39 -6.98 15.76
N ASP A 98 -8.78 -8.02 15.23
CA ASP A 98 -7.46 -7.91 14.60
C ASP A 98 -7.59 -7.58 13.11
N ILE A 99 -7.69 -6.30 12.80
CA ILE A 99 -7.98 -5.86 11.43
C ILE A 99 -6.76 -6.00 10.54
N THR A 100 -5.58 -5.83 11.11
CA THR A 100 -4.34 -6.03 10.37
C THR A 100 -4.29 -7.43 9.76
N SER A 101 -4.66 -8.42 10.55
CA SER A 101 -4.63 -9.79 10.06
C SER A 101 -5.70 -9.99 8.98
N MET A 102 -6.82 -9.29 9.09
CA MET A 102 -7.83 -9.36 8.03
C MET A 102 -7.27 -8.88 6.71
N PHE A 103 -6.67 -7.69 6.69
CA PHE A 103 -6.09 -7.19 5.46
C PHE A 103 -5.03 -8.14 4.93
N ARG A 104 -4.17 -8.65 5.82
CA ARG A 104 -3.12 -9.57 5.42
C ARG A 104 -3.68 -10.80 4.69
N THR A 105 -4.73 -11.41 5.25
CA THR A 105 -5.26 -12.64 4.65
C THR A 105 -6.04 -12.36 3.37
N MET A 106 -6.74 -11.24 3.31
CA MET A 106 -7.44 -10.91 2.05
C MET A 106 -6.45 -10.53 0.95
N ASN A 107 -5.37 -9.83 1.31
CA ASN A 107 -4.34 -9.56 0.33
C ASN A 107 -3.68 -10.85 -0.20
N GLU A 108 -3.43 -11.81 0.68
CA GLU A 108 -2.92 -13.11 0.21
C GLU A 108 -3.87 -13.71 -0.83
N ALA A 109 -5.16 -13.64 -0.55
CA ALA A 109 -6.14 -14.14 -1.48
C ALA A 109 -6.08 -13.42 -2.82
N VAL A 110 -5.98 -12.10 -2.79
CA VAL A 110 -5.87 -11.35 -4.03
C VAL A 110 -4.59 -11.69 -4.78
N VAL A 111 -3.48 -11.79 -4.07
CA VAL A 111 -2.22 -12.14 -4.72
C VAL A 111 -2.30 -13.52 -5.40
N ASN A 112 -2.86 -14.50 -4.70
CA ASN A 112 -3.10 -15.82 -5.29
C ASN A 112 -3.99 -15.79 -6.52
N SER A 113 -5.00 -14.92 -6.50
CA SER A 113 -5.92 -14.80 -7.62
C SER A 113 -5.24 -14.24 -8.86
N LEU A 114 -4.41 -13.23 -8.66
CA LEU A 114 -3.72 -12.56 -9.77
C LEU A 114 -2.65 -13.47 -10.37
N ARG A 115 -2.06 -14.30 -9.53
CA ARG A 115 -1.13 -15.33 -10.00
C ARG A 115 -1.81 -16.26 -11.02
N ILE A 116 -3.07 -16.60 -10.75
CA ILE A 116 -3.86 -17.39 -11.69
C ILE A 116 -3.90 -16.73 -13.07
N LEU A 117 -3.94 -15.40 -13.08
CA LEU A 117 -4.01 -14.63 -14.32
C LEU A 117 -2.66 -14.35 -14.93
N GLY A 118 -1.59 -14.77 -14.23
CA GLY A 118 -0.24 -14.52 -14.72
C GLY A 118 0.31 -13.16 -14.33
N LEU A 119 -0.33 -12.51 -13.37
CA LEU A 119 0.15 -11.20 -12.90
C LEU A 119 0.73 -11.29 -11.49
N ASP A 120 1.99 -10.87 -11.36
CA ASP A 120 2.69 -10.85 -10.08
C ASP A 120 2.42 -9.54 -9.33
N ALA A 121 1.99 -9.67 -8.08
CA ALA A 121 1.62 -8.51 -7.28
C ALA A 121 1.85 -8.77 -5.79
N ARG A 122 2.04 -7.70 -5.04
CA ARG A 122 2.14 -7.79 -3.59
C ARG A 122 1.34 -6.69 -2.90
N PRO A 123 0.96 -6.93 -1.65
CA PRO A 123 0.54 -5.84 -0.76
C PRO A 123 1.64 -4.82 -0.53
N GLY A 124 1.28 -3.55 -0.42
CA GLY A 124 2.25 -2.49 -0.23
C GLY A 124 2.98 -2.59 1.10
N GLU A 125 3.99 -1.75 1.28
CA GLU A 125 4.87 -1.91 2.44
C GLU A 125 4.61 -0.97 3.59
N LEU A 126 3.81 0.08 3.38
CA LEU A 126 3.81 1.19 4.32
C LEU A 126 2.56 1.26 5.19
N ASN A 127 2.75 1.72 6.42
CA ASN A 127 1.64 1.90 7.36
C ASN A 127 0.95 3.24 7.24
N ASP A 128 1.68 4.23 6.72
CA ASP A 128 1.15 5.58 6.59
C ASP A 128 -0.11 5.60 5.73
N VAL A 129 -1.24 5.94 6.35
CA VAL A 129 -2.54 5.76 5.71
C VAL A 129 -2.84 6.90 4.75
N SER A 130 -2.06 7.96 4.83
CA SER A 130 -2.36 9.20 4.12
C SER A 130 -1.71 9.23 2.74
N ILE A 131 -0.80 8.28 2.51
CA ILE A 131 -0.03 8.25 1.27
C ILE A 131 -0.76 7.44 0.20
N PRO A 132 -0.51 7.81 -1.06
CA PRO A 132 -1.45 7.48 -2.15
C PRO A 132 -1.27 6.04 -2.64
N VAL A 133 -0.03 5.56 -2.63
CA VAL A 133 0.26 4.17 -2.98
C VAL A 133 1.30 3.52 -2.05
N ASN A 134 1.51 2.22 -2.23
CA ASN A 134 2.41 1.40 -1.41
C ASN A 134 2.00 1.24 0.05
N LYS A 135 0.70 1.27 0.34
CA LYS A 135 0.22 1.02 1.70
C LYS A 135 -0.05 -0.47 1.87
N LYS A 136 -0.06 -0.94 3.11
CA LYS A 136 -0.34 -2.34 3.35
C LYS A 136 -1.76 -2.74 2.91
N THR A 137 -2.63 -1.77 2.65
CA THR A 137 -3.99 -2.07 2.17
C THR A 137 -4.10 -2.01 0.65
N ASP A 138 -3.01 -1.59 0.02
CA ASP A 138 -2.93 -1.53 -1.45
C ASP A 138 -2.35 -2.83 -1.96
N ILE A 139 -2.68 -3.18 -3.19
CA ILE A 139 -1.98 -4.23 -3.89
C ILE A 139 -1.22 -3.62 -5.06
N MET A 140 0.07 -3.95 -5.11
CA MET A 140 1.04 -3.26 -5.96
C MET A 140 1.64 -4.22 -6.99
N ALA A 141 1.55 -3.85 -8.27
CA ALA A 141 2.26 -4.59 -9.33
C ALA A 141 3.57 -3.86 -9.49
N GLY A 142 4.59 -4.31 -8.78
CA GLY A 142 5.80 -3.49 -8.63
C GLY A 142 5.48 -2.13 -8.01
N GLU A 143 5.92 -1.06 -8.66
CA GLU A 143 5.74 0.29 -8.13
C GLU A 143 4.34 0.87 -8.35
N LYS A 144 3.50 0.17 -9.08
CA LYS A 144 2.17 0.70 -9.45
C LYS A 144 1.07 0.09 -8.63
N LYS A 145 0.13 0.92 -8.15
CA LYS A 145 -1.02 0.41 -7.43
C LYS A 145 -2.07 -0.07 -8.43
N ILE A 146 -2.59 -1.28 -8.26
CA ILE A 146 -3.68 -1.74 -9.14
C ILE A 146 -4.98 -2.00 -8.35
N MET A 147 -4.89 -1.90 -7.02
CA MET A 147 -6.04 -2.18 -6.17
C MET A 147 -5.91 -1.53 -4.79
N GLY A 148 -7.02 -1.05 -4.23
CA GLY A 148 -7.01 -0.52 -2.86
C GLY A 148 -8.15 -1.16 -2.12
N ALA A 149 -8.12 -1.10 -0.80
CA ALA A 149 -9.16 -1.74 -0.01
C ALA A 149 -9.44 -0.97 1.27
N ALA A 150 -10.61 -1.21 1.87
CA ALA A 150 -10.97 -0.61 3.15
C ALA A 150 -11.66 -1.71 3.93
N GLY A 151 -11.84 -1.52 5.23
CA GLY A 151 -12.55 -2.54 6.01
C GLY A 151 -13.17 -2.02 7.29
N ALA A 152 -13.96 -2.85 7.93
CA ALA A 152 -14.61 -2.49 9.19
C ALA A 152 -14.77 -3.76 10.01
N MET A 153 -14.85 -3.62 11.34
CA MET A 153 -15.11 -4.76 12.20
C MET A 153 -16.08 -4.37 13.29
N ARG A 154 -16.88 -5.33 13.74
CA ARG A 154 -17.68 -5.14 14.93
C ARG A 154 -17.71 -6.48 15.63
N LYS A 155 -18.32 -6.53 16.80
CA LYS A 155 -18.41 -7.79 17.54
C LYS A 155 -19.10 -8.81 16.66
N GLY A 156 -18.36 -9.85 16.29
CA GLY A 156 -18.95 -10.99 15.59
C GLY A 156 -18.84 -11.04 14.07
N ALA A 157 -18.38 -9.94 13.47
CA ALA A 157 -18.37 -9.81 12.02
C ALA A 157 -17.25 -8.87 11.57
N LYS A 158 -16.66 -9.20 10.43
CA LYS A 158 -15.75 -8.28 9.75
C LYS A 158 -16.19 -8.04 8.30
N LEU A 159 -15.85 -6.87 7.77
CA LEU A 159 -16.02 -6.59 6.35
C LEU A 159 -14.72 -6.08 5.73
N TRP A 160 -14.43 -6.53 4.52
CA TRP A 160 -13.29 -6.04 3.77
C TRP A 160 -13.58 -6.02 2.27
N HIS A 161 -13.63 -4.82 1.69
CA HIS A 161 -14.01 -4.66 0.30
C HIS A 161 -12.96 -3.84 -0.47
N ALA A 162 -12.85 -4.10 -1.77
CA ALA A 162 -11.70 -3.63 -2.54
C ALA A 162 -12.12 -3.19 -3.93
N ALA A 163 -11.38 -2.23 -4.49
CA ALA A 163 -11.65 -1.76 -5.85
C ALA A 163 -10.40 -2.07 -6.67
N MET A 164 -10.56 -2.92 -7.68
CA MET A 164 -9.47 -3.28 -8.56
C MET A 164 -9.59 -2.63 -9.93
N LEU A 165 -8.52 -1.98 -10.35
CA LEU A 165 -8.49 -1.31 -11.64
C LEU A 165 -8.21 -2.34 -12.73
N VAL A 166 -9.23 -2.68 -13.51
CA VAL A 166 -9.02 -3.63 -14.60
C VAL A 166 -8.81 -2.92 -15.95
N HIS A 167 -9.76 -2.06 -16.31
CA HIS A 167 -9.63 -1.22 -17.52
C HIS A 167 -10.34 0.12 -17.30
N THR A 168 -10.03 0.72 -16.15
CA THR A 168 -10.53 2.03 -15.75
C THR A 168 -9.83 3.17 -16.51
N ASP A 169 -10.54 4.28 -16.73
CA ASP A 169 -9.97 5.48 -17.34
C ASP A 169 -9.09 6.18 -16.31
N LEU A 170 -7.78 5.97 -16.41
CA LEU A 170 -6.86 6.46 -15.37
C LEU A 170 -6.66 7.97 -15.46
N ASP A 171 -7.01 8.56 -16.60
CA ASP A 171 -6.92 10.00 -16.75
C ASP A 171 -8.06 10.67 -16.01
N MET A 172 -9.25 10.10 -16.10
CA MET A 172 -10.40 10.63 -15.37
C MET A 172 -10.14 10.48 -13.87
N LEU A 173 -9.56 9.34 -13.52
CA LEU A 173 -9.19 9.05 -12.12
C LEU A 173 -8.30 10.16 -11.58
N SER A 174 -7.25 10.50 -12.30
CA SER A 174 -6.29 11.51 -11.84
C SER A 174 -6.86 12.91 -11.77
N ALA A 175 -7.72 13.25 -12.73
CA ALA A 175 -8.33 14.57 -12.77
C ALA A 175 -9.26 14.80 -11.58
N VAL A 176 -10.05 13.78 -11.24
CA VAL A 176 -11.17 13.94 -10.32
C VAL A 176 -10.69 13.86 -8.87
N LEU A 177 -9.55 13.22 -8.66
CA LEU A 177 -9.02 13.03 -7.32
C LEU A 177 -7.92 14.06 -7.03
N LYS A 178 -7.98 15.20 -7.71
CA LYS A 178 -7.09 16.31 -7.44
C LYS A 178 -7.87 17.54 -6.99
N GLU A 194 0.33 8.48 -12.68
CA GLU A 194 1.65 7.88 -12.90
C GLU A 194 1.89 6.76 -11.90
N ARG A 195 1.04 6.66 -10.89
CA ARG A 195 1.30 5.79 -9.75
C ARG A 195 0.33 4.62 -9.72
N VAL A 196 -0.73 4.71 -10.52
CA VAL A 196 -1.69 3.62 -10.67
C VAL A 196 -1.54 2.94 -12.02
N ALA A 197 -1.95 1.68 -12.10
CA ALA A 197 -2.02 0.97 -13.37
C ALA A 197 -3.26 0.08 -13.42
N ASN A 198 -3.66 -0.30 -14.64
CA ASN A 198 -4.74 -1.24 -14.82
C ASN A 198 -4.20 -2.65 -14.86
N VAL A 199 -4.98 -3.62 -14.43
CA VAL A 199 -4.59 -5.01 -14.63
C VAL A 199 -4.29 -5.29 -16.11
N THR A 200 -5.08 -4.71 -17.02
CA THR A 200 -4.84 -4.94 -18.46
C THR A 200 -3.61 -4.23 -19.02
N ASP A 201 -2.92 -3.44 -18.19
CA ASP A 201 -1.62 -2.90 -18.59
C ASP A 201 -0.56 -4.00 -18.49
N PHE A 202 -0.92 -5.11 -17.85
CA PHE A 202 0.02 -6.19 -17.62
C PHE A 202 -0.38 -7.47 -18.33
N VAL A 203 -1.65 -7.83 -18.27
CA VAL A 203 -2.14 -9.07 -18.89
C VAL A 203 -3.46 -8.84 -19.60
N ASP A 204 -3.66 -9.56 -20.70
CA ASP A 204 -4.81 -9.38 -21.57
C ASP A 204 -5.96 -10.18 -21.00
N VAL A 205 -6.83 -9.54 -20.22
CA VAL A 205 -7.91 -10.28 -19.55
C VAL A 205 -9.19 -9.47 -19.53
N SER A 206 -10.33 -10.16 -19.49
CA SER A 206 -11.61 -9.48 -19.36
C SER A 206 -11.97 -9.34 -17.89
N ILE A 207 -12.94 -8.48 -17.59
CA ILE A 207 -13.48 -8.36 -16.23
C ILE A 207 -13.98 -9.71 -15.71
N ASP A 208 -14.63 -10.48 -16.57
CA ASP A 208 -15.12 -11.79 -16.19
C ASP A 208 -13.98 -12.72 -15.80
N GLU A 209 -12.90 -12.69 -16.56
CA GLU A 209 -11.73 -13.51 -16.24
C GLU A 209 -11.15 -13.13 -14.89
N VAL A 210 -11.02 -11.83 -14.65
CA VAL A 210 -10.58 -11.35 -13.32
C VAL A 210 -11.52 -11.82 -12.21
N ARG A 211 -12.83 -11.62 -12.39
CA ARG A 211 -13.79 -12.06 -11.40
C ARG A 211 -13.62 -13.56 -11.16
N ASN A 212 -13.46 -14.34 -12.23
CA ASN A 212 -13.37 -15.79 -12.06
C ASN A 212 -12.09 -16.20 -11.33
N ALA A 213 -11.00 -15.50 -11.60
CA ALA A 213 -9.75 -15.77 -10.90
C ALA A 213 -9.89 -15.45 -9.42
N LEU A 214 -10.50 -14.31 -9.11
CA LEU A 214 -10.74 -13.93 -7.72
C LEU A 214 -11.64 -14.95 -6.99
N ILE A 215 -12.69 -15.43 -7.64
CA ILE A 215 -13.52 -16.46 -7.03
C ILE A 215 -12.68 -17.70 -6.68
N ARG A 216 -11.86 -18.17 -7.61
CA ARG A 216 -11.07 -19.37 -7.37
C ARG A 216 -9.99 -19.09 -6.32
N GLY A 217 -9.33 -17.95 -6.44
CA GLY A 217 -8.25 -17.60 -5.51
C GLY A 217 -8.74 -17.42 -4.09
N PHE A 218 -9.89 -16.74 -3.93
CA PHE A 218 -10.45 -16.54 -2.60
C PHE A 218 -10.95 -17.85 -2.03
N SER A 219 -11.51 -18.68 -2.89
CA SER A 219 -12.00 -19.98 -2.46
C SER A 219 -10.84 -20.85 -1.96
N GLU A 220 -9.75 -20.90 -2.72
CA GLU A 220 -8.59 -21.72 -2.36
C GLU A 220 -7.88 -21.19 -1.12
N THR A 221 -7.75 -19.87 -1.04
CA THR A 221 -6.99 -19.25 0.05
C THR A 221 -7.74 -19.28 1.37
N LEU A 222 -9.04 -19.06 1.30
CA LEU A 222 -9.88 -19.00 2.50
C LEU A 222 -10.49 -20.35 2.85
N HIS A 223 -10.36 -21.32 1.96
CA HIS A 223 -11.00 -22.63 2.13
C HIS A 223 -12.52 -22.50 2.27
N ILE A 224 -13.09 -21.69 1.40
CA ILE A 224 -14.54 -21.54 1.35
C ILE A 224 -14.97 -21.81 -0.08
N ASP A 225 -16.10 -22.49 -0.23
CA ASP A 225 -16.67 -22.66 -1.55
C ASP A 225 -17.84 -21.70 -1.73
N PHE A 226 -17.58 -20.61 -2.44
CA PHE A 226 -18.60 -19.60 -2.67
C PHE A 226 -19.54 -20.00 -3.81
N ARG A 227 -20.75 -20.43 -3.45
CA ARG A 227 -21.76 -20.80 -4.43
C ARG A 227 -22.71 -19.65 -4.70
N GLU A 228 -23.10 -19.49 -5.96
CA GLU A 228 -23.94 -18.36 -6.36
C GLU A 228 -25.26 -18.39 -5.57
N ASP A 229 -25.66 -17.22 -5.07
CA ASP A 229 -26.86 -17.11 -4.23
C ASP A 229 -27.54 -15.76 -4.48
N THR A 230 -28.76 -15.59 -3.97
CA THR A 230 -29.40 -14.28 -4.01
C THR A 230 -29.42 -13.69 -2.61
N ILE A 231 -29.68 -12.39 -2.53
CA ILE A 231 -29.80 -11.75 -1.21
C ILE A 231 -31.11 -12.17 -0.59
N THR A 232 -31.16 -12.14 0.75
CA THR A 232 -32.37 -12.49 1.47
C THR A 232 -33.34 -11.30 1.53
N GLU A 233 -34.60 -11.58 1.83
CA GLU A 233 -35.60 -10.53 2.01
C GLU A 233 -35.18 -9.54 3.08
N LYS A 234 -34.56 -10.04 4.14
CA LYS A 234 -34.05 -9.20 5.22
C LYS A 234 -32.92 -8.28 4.74
N GLU A 235 -31.96 -8.84 3.99
CA GLU A 235 -30.86 -8.04 3.44
C GLU A 235 -31.38 -6.97 2.49
N GLU A 236 -32.32 -7.34 1.63
CA GLU A 236 -32.93 -6.42 0.66
C GLU A 236 -33.71 -5.30 1.33
N SER A 237 -34.53 -5.63 2.31
CA SER A 237 -35.32 -4.60 2.98
C SER A 237 -34.43 -3.65 3.78
N LEU A 238 -33.36 -4.16 4.39
CA LEU A 238 -32.42 -3.26 5.08
C LEU A 238 -31.72 -2.34 4.07
N ALA A 239 -31.29 -2.90 2.93
CA ALA A 239 -30.61 -2.07 1.92
C ALA A 239 -31.52 -0.94 1.42
N ARG A 240 -32.78 -1.27 1.18
CA ARG A 240 -33.74 -0.26 0.75
C ARG A 240 -33.92 0.82 1.82
N GLU A 241 -34.02 0.40 3.09
CA GLU A 241 -34.11 1.36 4.19
C GLU A 241 -32.88 2.26 4.28
N LEU A 242 -31.69 1.66 4.18
CA LEU A 242 -30.45 2.44 4.25
C LEU A 242 -30.37 3.42 3.10
N PHE A 243 -30.82 3.00 1.93
CA PHE A 243 -30.81 3.91 0.78
C PHE A 243 -31.84 5.02 0.97
N ASP A 244 -33.09 4.65 1.27
CA ASP A 244 -34.14 5.65 1.45
C ASP A 244 -33.76 6.68 2.50
N LYS A 245 -33.23 6.22 3.63
CA LYS A 245 -33.04 7.08 4.78
C LYS A 245 -31.66 7.72 4.83
N LYS A 246 -30.71 7.18 4.08
CA LYS A 246 -29.33 7.62 4.24
C LYS A 246 -28.57 7.82 2.92
N TYR A 247 -28.31 6.74 2.20
CA TYR A 247 -27.42 6.81 1.04
C TYR A 247 -27.95 7.66 -0.10
N SER A 248 -29.26 7.78 -0.20
CA SER A 248 -29.87 8.60 -1.24
C SER A 248 -29.80 10.10 -0.94
N THR A 249 -29.40 10.47 0.28
CA THR A 249 -29.48 11.86 0.70
C THR A 249 -28.20 12.68 0.47
N GLU A 250 -28.37 13.97 0.24
CA GLU A 250 -27.20 14.83 0.14
C GLU A 250 -26.49 14.98 1.48
N GLU A 251 -27.24 14.92 2.58
CA GLU A 251 -26.63 15.09 3.89
C GLU A 251 -25.60 14.02 4.14
N TRP A 252 -25.95 12.77 3.83
CA TRP A 252 -25.05 11.65 4.02
C TRP A 252 -23.82 11.86 3.14
N ASN A 253 -24.04 12.09 1.85
CA ASN A 253 -22.97 12.07 0.89
C ASN A 253 -22.07 13.29 1.01
N MET A 254 -22.69 14.46 1.09
CA MET A 254 -21.94 15.72 1.08
C MET A 254 -21.60 16.16 2.51
N GLY A 255 -22.25 15.53 3.48
CA GLY A 255 -22.01 15.83 4.88
C GLY A 255 -22.68 17.12 5.31
N LEU A 256 -23.79 17.45 4.66
CA LEU A 256 -24.58 18.62 5.02
C LEU A 256 -24.99 18.58 6.49
N MET B 1 -16.62 26.53 -38.67
CA MET B 1 -17.25 27.03 -37.44
C MET B 1 -16.90 26.13 -36.25
N GLU B 2 -17.22 26.60 -35.05
CA GLU B 2 -16.91 25.86 -33.83
C GLU B 2 -18.06 24.93 -33.45
N GLY B 3 -17.72 23.70 -33.07
CA GLY B 3 -18.72 22.73 -32.63
C GLY B 3 -18.47 22.35 -31.18
N ARG B 4 -19.40 21.58 -30.59
CA ARG B 4 -19.25 21.10 -29.23
C ARG B 4 -19.01 19.59 -29.30
N LEU B 5 -17.91 19.13 -28.76
CA LEU B 5 -17.64 17.69 -28.62
C LEU B 5 -17.97 17.28 -27.19
N LEU B 6 -19.00 16.45 -27.04
CA LEU B 6 -19.47 16.03 -25.72
C LEU B 6 -19.09 14.57 -25.48
N LEU B 7 -18.30 14.33 -24.44
CA LEU B 7 -17.88 12.98 -24.10
C LEU B 7 -18.71 12.43 -22.94
N LEU B 8 -20.03 12.55 -23.05
CA LEU B 8 -20.92 12.32 -21.92
C LEU B 8 -21.63 10.98 -22.06
N GLU B 9 -21.36 10.07 -21.12
CA GLU B 9 -21.86 8.71 -21.22
C GLU B 9 -22.25 8.16 -19.85
N THR B 10 -23.29 7.34 -19.82
CA THR B 10 -23.70 6.66 -18.61
C THR B 10 -23.94 5.20 -19.00
N PRO B 11 -22.86 4.47 -19.29
CA PRO B 11 -22.96 3.11 -19.82
C PRO B 11 -23.70 2.21 -18.88
N GLY B 12 -23.72 2.59 -17.59
CA GLY B 12 -24.37 1.76 -16.59
C GLY B 12 -25.87 2.00 -16.55
N ASN B 13 -26.34 2.98 -17.32
CA ASN B 13 -27.78 3.24 -17.38
C ASN B 13 -28.17 3.69 -18.79
N THR B 14 -28.47 2.72 -19.65
CA THR B 14 -28.75 2.99 -21.06
C THR B 14 -29.95 3.90 -21.27
N ARG B 15 -30.98 3.68 -20.45
CA ARG B 15 -32.16 4.53 -20.50
C ARG B 15 -31.87 5.99 -20.18
N MET B 16 -30.97 6.25 -19.23
CA MET B 16 -30.57 7.64 -18.98
C MET B 16 -29.77 8.20 -20.14
N SER B 17 -28.90 7.37 -20.71
CA SER B 17 -28.11 7.73 -21.88
C SER B 17 -29.01 8.16 -23.02
N LEU B 18 -30.11 7.42 -23.20
CA LEU B 18 -31.04 7.77 -24.29
C LEU B 18 -31.76 9.07 -23.99
N ALA B 19 -32.02 9.31 -22.71
CA ALA B 19 -32.67 10.57 -22.30
C ALA B 19 -31.75 11.77 -22.59
N TYR B 20 -30.47 11.61 -22.32
CA TYR B 20 -29.54 12.70 -22.61
C TYR B 20 -29.54 13.03 -24.08
N ASP B 21 -29.91 12.10 -24.67
CA ASP B 21 -29.60 12.22 -26.07
C ASP B 21 -30.76 12.85 -26.86
N GLU B 22 -32.10 12.50 -26.38
CA GLU B 22 -33.27 13.30 -26.70
C GLU B 22 -33.16 14.72 -26.16
N ALA B 23 -32.66 14.87 -24.94
CA ALA B 23 -32.61 16.18 -24.29
C ALA B 23 -31.74 17.15 -25.08
N ILE B 24 -30.58 16.68 -25.50
CA ILE B 24 -29.64 17.51 -26.26
C ILE B 24 -30.22 17.94 -27.60
N TYR B 25 -30.91 17.02 -28.27
CA TYR B 25 -31.53 17.30 -29.55
C TYR B 25 -32.62 18.36 -29.42
N ARG B 26 -33.45 18.22 -28.39
CA ARG B 26 -34.62 19.08 -28.22
C ARG B 26 -34.22 20.43 -27.62
N SER B 27 -33.16 20.44 -26.84
CA SER B 27 -32.66 21.67 -26.25
C SER B 27 -32.01 22.56 -27.30
N PHE B 28 -31.64 21.96 -28.43
CA PHE B 28 -30.93 22.69 -29.48
C PHE B 28 -31.80 23.80 -30.07
N GLN B 29 -31.25 25.00 -30.18
CA GLN B 29 -31.90 26.08 -30.90
C GLN B 29 -31.15 26.43 -32.18
N TYR B 30 -31.90 26.57 -33.28
CA TYR B 30 -31.31 26.88 -34.56
C TYR B 30 -30.24 27.93 -34.35
N GLY B 31 -29.06 27.72 -34.90
CA GLY B 31 -27.95 28.65 -34.71
C GLY B 31 -26.94 28.25 -33.65
N ASP B 32 -27.30 27.29 -32.80
CA ASP B 32 -26.36 26.79 -31.77
C ASP B 32 -25.15 26.12 -32.42
N LYS B 33 -24.05 25.97 -31.69
CA LYS B 33 -22.93 25.20 -32.17
C LYS B 33 -23.36 23.74 -32.40
N PRO B 34 -22.99 23.15 -33.53
CA PRO B 34 -23.33 21.74 -33.80
C PRO B 34 -22.64 20.87 -32.78
N ILE B 35 -23.25 19.73 -32.47
CA ILE B 35 -22.75 18.87 -31.40
C ILE B 35 -22.37 17.53 -31.98
N LEU B 36 -21.23 16.99 -31.53
CA LEU B 36 -20.89 15.57 -31.72
C LEU B 36 -20.71 14.94 -30.35
N ARG B 37 -21.45 13.87 -30.07
CA ARG B 37 -21.41 13.27 -28.75
C ARG B 37 -21.00 11.82 -28.94
N PHE B 38 -20.04 11.31 -28.18
CA PHE B 38 -19.69 9.86 -28.18
C PHE B 38 -20.08 9.21 -26.88
N TYR B 39 -20.62 8.00 -26.95
CA TYR B 39 -21.15 7.32 -25.76
C TYR B 39 -21.03 5.81 -25.90
N ARG B 40 -21.00 5.11 -24.77
CA ARG B 40 -21.06 3.66 -24.76
C ARG B 40 -22.12 3.15 -23.79
N HIS B 41 -22.81 2.08 -24.16
CA HIS B 41 -23.73 1.44 -23.28
C HIS B 41 -23.23 0.03 -22.96
N ASP B 42 -23.46 -0.38 -21.71
CA ASP B 42 -23.29 -1.78 -21.32
C ASP B 42 -24.43 -2.60 -21.90
N ARG B 43 -24.36 -3.92 -21.76
CA ARG B 43 -25.25 -4.80 -22.49
C ARG B 43 -26.67 -4.27 -22.52
N SER B 44 -27.16 -3.96 -23.70
CA SER B 44 -28.56 -3.58 -23.80
C SER B 44 -29.07 -3.88 -25.20
N VAL B 45 -30.38 -3.89 -25.36
CA VAL B 45 -30.96 -3.89 -26.71
C VAL B 45 -31.75 -2.59 -26.80
N ILE B 46 -31.53 -1.84 -27.86
CA ILE B 46 -32.21 -0.56 -28.01
C ILE B 46 -33.20 -0.78 -29.15
N ILE B 47 -34.48 -0.57 -28.88
CA ILE B 47 -35.44 -0.73 -29.96
C ILE B 47 -35.91 0.63 -30.45
N GLY B 48 -36.37 0.69 -31.69
CA GLY B 48 -36.75 1.94 -32.24
C GLY B 48 -38.10 2.37 -31.73
N TYR B 49 -38.37 3.65 -31.91
CA TYR B 49 -39.57 4.26 -31.38
C TYR B 49 -40.87 3.50 -31.73
N PHE B 50 -40.96 2.98 -32.96
CA PHE B 50 -42.22 2.37 -33.40
C PHE B 50 -42.27 0.88 -33.18
N GLN B 51 -41.26 0.29 -32.54
CA GLN B 51 -41.15 -1.18 -32.51
C GLN B 51 -41.91 -1.88 -31.41
N VAL B 52 -42.41 -3.08 -31.71
CA VAL B 52 -43.02 -3.94 -30.71
C VAL B 52 -41.94 -4.82 -30.08
N ALA B 53 -41.67 -4.62 -28.80
CA ALA B 53 -40.52 -5.27 -28.16
C ALA B 53 -40.48 -6.78 -28.37
N GLU B 54 -41.58 -7.46 -28.04
CA GLU B 54 -41.59 -8.91 -28.13
C GLU B 54 -41.40 -9.44 -29.54
N GLU B 55 -41.61 -8.58 -30.53
CA GLU B 55 -41.46 -8.98 -31.92
C GLU B 55 -40.05 -8.76 -32.44
N GLU B 56 -39.22 -8.08 -31.67
CA GLU B 56 -37.92 -7.61 -32.14
C GLU B 56 -36.79 -8.33 -31.40
N VAL B 57 -37.04 -8.71 -30.16
CA VAL B 57 -35.99 -9.19 -29.27
C VAL B 57 -36.46 -10.38 -28.45
N ASP B 58 -35.54 -11.30 -28.18
CA ASP B 58 -35.83 -12.45 -27.32
C ASP B 58 -35.78 -11.98 -25.88
N LEU B 59 -36.96 -11.66 -25.31
CA LEU B 59 -37.03 -10.96 -24.04
C LEU B 59 -36.58 -11.85 -22.89
N ASP B 60 -36.86 -13.15 -23.00
CA ASP B 60 -36.45 -14.11 -21.99
C ASP B 60 -34.93 -14.23 -21.91
N TYR B 61 -34.30 -14.47 -23.05
CA TYR B 61 -32.86 -14.52 -23.12
C TYR B 61 -32.26 -13.23 -22.58
N MET B 62 -32.90 -12.10 -22.84
CA MET B 62 -32.42 -10.83 -22.35
C MET B 62 -32.40 -10.78 -20.84
N LYS B 63 -33.53 -11.11 -20.21
CA LYS B 63 -33.61 -11.11 -18.76
C LYS B 63 -32.57 -12.05 -18.17
N LYS B 64 -32.42 -13.23 -18.78
CA LYS B 64 -31.48 -14.23 -18.29
C LYS B 64 -30.04 -13.77 -18.37
N ASN B 65 -29.77 -12.85 -19.29
CA ASN B 65 -28.39 -12.44 -19.52
C ASN B 65 -28.12 -11.02 -19.04
N GLY B 66 -29.05 -10.45 -18.29
CA GLY B 66 -28.84 -9.13 -17.71
C GLY B 66 -28.70 -8.04 -18.75
N ILE B 67 -29.42 -8.19 -19.87
CA ILE B 67 -29.41 -7.19 -20.94
C ILE B 67 -30.60 -6.27 -20.73
N MET B 68 -30.35 -4.96 -20.71
CA MET B 68 -31.39 -3.98 -20.45
C MET B 68 -32.15 -3.70 -21.73
N LEU B 69 -33.48 -3.65 -21.65
CA LEU B 69 -34.26 -3.19 -22.78
C LEU B 69 -34.42 -1.67 -22.73
N ALA B 70 -34.22 -1.00 -23.85
CA ALA B 70 -34.44 0.44 -23.86
C ALA B 70 -34.97 0.85 -25.21
N ARG B 71 -35.95 1.74 -25.21
CA ARG B 71 -36.51 2.26 -26.45
C ARG B 71 -35.95 3.67 -26.64
N ARG B 72 -35.33 3.93 -27.79
CA ARG B 72 -34.83 5.27 -28.11
C ARG B 72 -35.87 6.18 -28.78
N TYR B 73 -35.46 7.43 -28.97
CA TYR B 73 -36.31 8.51 -29.50
C TYR B 73 -36.61 8.32 -31.00
N THR B 74 -35.64 7.76 -31.71
CA THR B 74 -35.73 7.65 -33.16
C THR B 74 -36.41 6.38 -33.61
N GLY B 75 -36.83 6.37 -34.87
CA GLY B 75 -37.31 5.16 -35.50
C GLY B 75 -36.20 4.20 -35.86
N GLY B 76 -36.52 3.24 -36.70
CA GLY B 76 -35.52 2.26 -37.11
C GLY B 76 -35.61 0.98 -36.30
N GLY B 77 -34.62 0.13 -36.47
CA GLY B 77 -34.67 -1.24 -35.94
C GLY B 77 -33.91 -1.48 -34.65
N ALA B 78 -33.88 -2.76 -34.25
CA ALA B 78 -33.38 -3.15 -32.96
C ALA B 78 -31.89 -3.45 -33.05
N VAL B 79 -31.12 -3.01 -32.06
CA VAL B 79 -29.69 -3.25 -32.11
C VAL B 79 -29.22 -3.64 -30.74
N TYR B 80 -28.17 -4.46 -30.69
CA TYR B 80 -27.59 -4.87 -29.43
C TYR B 80 -26.32 -4.03 -29.16
N HIS B 81 -26.20 -3.48 -27.95
CA HIS B 81 -25.01 -2.72 -27.58
C HIS B 81 -24.29 -3.40 -26.42
N ASP B 82 -22.98 -3.33 -26.41
CA ASP B 82 -22.21 -3.62 -25.20
C ASP B 82 -21.01 -2.68 -25.20
N LEU B 83 -20.09 -2.84 -24.26
CA LEU B 83 -19.01 -1.85 -24.18
C LEU B 83 -18.07 -1.89 -25.38
N GLY B 84 -18.24 -2.89 -26.24
CA GLY B 84 -17.48 -2.99 -27.47
C GLY B 84 -18.09 -2.19 -28.60
N ASP B 85 -19.23 -1.58 -28.33
CA ASP B 85 -19.92 -0.76 -29.32
C ASP B 85 -19.78 0.73 -29.00
N LEU B 86 -19.35 1.50 -29.99
CA LEU B 86 -19.22 2.95 -29.83
C LEU B 86 -20.35 3.69 -30.54
N ASN B 87 -21.08 4.50 -29.79
CA ASN B 87 -22.19 5.25 -30.35
C ASN B 87 -21.82 6.69 -30.44
N PHE B 88 -22.43 7.37 -31.38
CA PHE B 88 -22.19 8.80 -31.53
C PHE B 88 -23.40 9.49 -32.14
N SER B 89 -23.59 10.76 -31.78
CA SER B 89 -24.74 11.49 -32.27
C SER B 89 -24.27 12.86 -32.71
N VAL B 90 -24.95 13.37 -33.73
CA VAL B 90 -24.62 14.69 -34.31
C VAL B 90 -25.93 15.46 -34.37
N VAL B 91 -25.93 16.65 -33.77
CA VAL B 91 -27.07 17.55 -33.84
C VAL B 91 -26.61 18.85 -34.48
N ARG B 92 -27.34 19.31 -35.49
CA ARG B 92 -27.00 20.55 -36.21
C ARG B 92 -28.25 21.32 -36.56
N SER B 93 -28.08 22.63 -36.76
CA SER B 93 -29.14 23.48 -37.28
C SER B 93 -29.61 22.94 -38.63
N SER B 94 -30.90 23.11 -38.93
CA SER B 94 -31.49 22.62 -40.17
C SER B 94 -32.39 23.67 -40.85
N ASP B 95 -32.25 23.79 -42.18
CA ASP B 95 -33.05 24.72 -42.97
C ASP B 95 -34.01 24.00 -43.89
N ASP B 96 -34.18 22.69 -43.69
CA ASP B 96 -35.03 21.91 -44.59
C ASP B 96 -35.39 20.58 -43.95
N MET B 97 -36.23 19.81 -44.61
CA MET B 97 -36.63 18.52 -44.09
C MET B 97 -36.08 17.40 -44.97
N ASP B 98 -34.87 17.58 -45.47
CA ASP B 98 -34.26 16.61 -46.36
C ASP B 98 -33.41 15.62 -45.56
N ILE B 99 -34.07 14.59 -45.04
CA ILE B 99 -33.35 13.65 -44.18
C ILE B 99 -32.39 12.77 -44.97
N THR B 100 -32.76 12.47 -46.22
CA THR B 100 -31.88 11.69 -47.08
C THR B 100 -30.49 12.29 -47.20
N SER B 101 -30.43 13.61 -47.41
CA SER B 101 -29.15 14.29 -47.55
C SER B 101 -28.35 14.24 -46.28
N MET B 102 -29.04 14.30 -45.14
CA MET B 102 -28.34 14.17 -43.86
C MET B 102 -27.65 12.81 -43.75
N PHE B 103 -28.38 11.76 -44.09
CA PHE B 103 -27.85 10.40 -43.97
C PHE B 103 -26.67 10.19 -44.91
N ARG B 104 -26.76 10.74 -46.11
CA ARG B 104 -25.67 10.69 -47.07
C ARG B 104 -24.46 11.47 -46.57
N THR B 105 -24.71 12.62 -45.97
CA THR B 105 -23.64 13.49 -45.50
C THR B 105 -22.87 12.87 -44.35
N MET B 106 -23.60 12.40 -43.34
CA MET B 106 -22.99 11.71 -42.20
C MET B 106 -22.26 10.43 -42.61
N ASN B 107 -22.82 9.69 -43.56
CA ASN B 107 -22.16 8.48 -44.02
C ASN B 107 -20.82 8.75 -44.70
N GLU B 108 -20.76 9.84 -45.47
CA GLU B 108 -19.52 10.19 -46.14
C GLU B 108 -18.50 10.53 -45.06
N ALA B 109 -18.93 11.18 -43.99
CA ALA B 109 -18.05 11.49 -42.87
C ALA B 109 -17.51 10.20 -42.22
N VAL B 110 -18.37 9.20 -42.08
CA VAL B 110 -17.92 7.92 -41.51
C VAL B 110 -16.95 7.22 -42.43
N VAL B 111 -17.26 7.17 -43.71
CA VAL B 111 -16.32 6.60 -44.70
C VAL B 111 -14.94 7.26 -44.62
N ASN B 112 -14.95 8.59 -44.58
CA ASN B 112 -13.71 9.33 -44.50
C ASN B 112 -12.91 9.03 -43.24
N SER B 113 -13.62 8.93 -42.12
CA SER B 113 -13.02 8.59 -40.82
C SER B 113 -12.39 7.21 -40.79
N LEU B 114 -13.08 6.22 -41.35
CA LEU B 114 -12.63 4.83 -41.30
C LEU B 114 -11.46 4.60 -42.25
N ARG B 115 -11.41 5.39 -43.32
CA ARG B 115 -10.25 5.42 -44.20
C ARG B 115 -8.97 5.71 -43.42
N ILE B 116 -9.06 6.63 -42.47
CA ILE B 116 -7.92 6.99 -41.63
C ILE B 116 -7.35 5.77 -40.92
N LEU B 117 -8.23 4.86 -40.52
CA LEU B 117 -7.83 3.67 -39.80
C LEU B 117 -7.34 2.55 -40.74
N GLY B 118 -7.38 2.78 -42.04
CA GLY B 118 -7.08 1.73 -43.02
C GLY B 118 -8.23 0.79 -43.30
N LEU B 119 -9.45 1.21 -42.95
CA LEU B 119 -10.63 0.39 -43.17
C LEU B 119 -11.53 0.98 -44.26
N ASP B 120 -11.85 0.15 -45.26
CA ASP B 120 -12.69 0.55 -46.39
C ASP B 120 -14.12 0.16 -46.10
N ALA B 121 -14.99 1.16 -46.04
CA ALA B 121 -16.41 0.91 -45.84
C ALA B 121 -17.26 1.91 -46.63
N ARG B 122 -18.48 1.51 -46.95
CA ARG B 122 -19.38 2.36 -47.73
C ARG B 122 -20.83 2.18 -47.30
N PRO B 123 -21.61 3.24 -47.38
CA PRO B 123 -23.05 3.18 -47.07
C PRO B 123 -23.78 2.16 -47.93
N GLY B 124 -24.66 1.37 -47.31
CA GLY B 124 -25.46 0.41 -48.04
C GLY B 124 -26.23 1.03 -49.18
N GLU B 125 -26.69 0.19 -50.09
CA GLU B 125 -27.20 0.62 -51.37
C GLU B 125 -28.72 0.52 -51.48
N LEU B 126 -29.35 -0.27 -50.59
CA LEU B 126 -30.76 -0.62 -50.74
C LEU B 126 -31.74 0.32 -50.05
N ASN B 127 -32.90 0.51 -50.66
CA ASN B 127 -33.94 1.39 -50.13
C ASN B 127 -34.88 0.74 -49.12
N ASP B 128 -34.98 -0.59 -49.13
CA ASP B 128 -35.84 -1.31 -48.20
C ASP B 128 -35.39 -1.10 -46.75
N VAL B 129 -36.26 -0.58 -45.90
CA VAL B 129 -35.86 -0.25 -44.53
C VAL B 129 -36.05 -1.37 -43.50
N SER B 130 -36.57 -2.52 -43.93
CA SER B 130 -36.82 -3.62 -43.01
C SER B 130 -35.77 -4.72 -43.08
N ILE B 131 -34.86 -4.62 -44.04
CA ILE B 131 -33.84 -5.65 -44.23
C ILE B 131 -32.69 -5.43 -43.27
N PRO B 132 -32.05 -6.52 -42.86
CA PRO B 132 -31.03 -6.48 -41.81
C PRO B 132 -29.76 -5.69 -42.13
N VAL B 133 -29.32 -5.75 -43.38
CA VAL B 133 -28.07 -5.11 -43.81
C VAL B 133 -28.17 -4.52 -45.22
N ASN B 134 -27.17 -3.72 -45.59
CA ASN B 134 -27.08 -3.10 -46.92
C ASN B 134 -28.11 -2.00 -47.18
N LYS B 135 -28.65 -1.41 -46.11
CA LYS B 135 -29.55 -0.26 -46.21
C LYS B 135 -28.74 1.02 -46.33
N LYS B 136 -29.35 2.08 -46.84
CA LYS B 136 -28.69 3.39 -47.00
C LYS B 136 -28.31 4.02 -45.65
N THR B 137 -28.84 3.47 -44.55
CA THR B 137 -28.50 3.96 -43.21
C THR B 137 -27.41 3.11 -42.54
N ASP B 138 -27.07 1.98 -43.16
CA ASP B 138 -25.96 1.13 -42.70
C ASP B 138 -24.63 1.55 -43.32
N ILE B 139 -23.54 1.29 -42.61
CA ILE B 139 -22.19 1.36 -43.17
C ILE B 139 -21.63 -0.06 -43.23
N MET B 140 -21.10 -0.44 -44.40
CA MET B 140 -20.78 -1.81 -44.74
C MET B 140 -19.30 -1.90 -45.06
N ALA B 141 -18.63 -2.87 -44.45
CA ALA B 141 -17.26 -3.18 -44.82
C ALA B 141 -17.41 -4.33 -45.80
N GLY B 142 -17.45 -4.00 -47.09
CA GLY B 142 -17.82 -4.99 -48.09
C GLY B 142 -19.20 -5.56 -47.79
N GLU B 143 -19.29 -6.88 -47.69
CA GLU B 143 -20.58 -7.52 -47.48
C GLU B 143 -21.10 -7.47 -46.03
N LYS B 144 -20.27 -7.02 -45.10
CA LYS B 144 -20.57 -7.09 -43.67
C LYS B 144 -21.05 -5.75 -43.11
N LYS B 145 -22.15 -5.72 -42.34
CA LYS B 145 -22.54 -4.50 -41.63
C LYS B 145 -21.69 -4.30 -40.38
N ILE B 146 -21.11 -3.10 -40.25
CA ILE B 146 -20.34 -2.70 -39.07
C ILE B 146 -20.94 -1.56 -38.29
N MET B 147 -21.96 -0.91 -38.84
CA MET B 147 -22.57 0.24 -38.18
C MET B 147 -23.97 0.45 -38.74
N GLY B 148 -24.87 0.85 -37.86
CA GLY B 148 -26.21 1.31 -38.26
C GLY B 148 -26.48 2.71 -37.72
N ALA B 149 -27.47 3.39 -38.29
CA ALA B 149 -27.81 4.74 -37.85
C ALA B 149 -29.31 4.96 -37.93
N ALA B 150 -29.79 5.96 -37.21
CA ALA B 150 -31.19 6.42 -37.28
C ALA B 150 -31.15 7.95 -37.17
N GLY B 151 -32.27 8.61 -37.37
CA GLY B 151 -32.22 10.07 -37.39
C GLY B 151 -33.60 10.64 -37.16
N ALA B 152 -33.65 11.95 -36.90
CA ALA B 152 -34.93 12.62 -36.73
C ALA B 152 -34.73 14.05 -37.18
N MET B 153 -35.81 14.72 -37.56
CA MET B 153 -35.69 16.12 -37.90
C MET B 153 -36.93 16.86 -37.44
N ARG B 154 -36.74 18.15 -37.18
CA ARG B 154 -37.83 19.04 -36.80
C ARG B 154 -37.46 20.40 -37.33
N LYS B 155 -38.39 21.35 -37.28
CA LYS B 155 -38.10 22.68 -37.80
C LYS B 155 -36.91 23.18 -37.02
N GLY B 156 -35.83 23.52 -37.71
CA GLY B 156 -34.68 24.13 -37.05
C GLY B 156 -33.50 23.24 -36.71
N ALA B 157 -33.72 21.93 -36.65
CA ALA B 157 -32.72 21.00 -36.13
C ALA B 157 -32.86 19.63 -36.78
N LYS B 158 -31.74 18.95 -36.95
CA LYS B 158 -31.74 17.53 -37.30
C LYS B 158 -30.86 16.74 -36.34
N LEU B 159 -31.21 15.46 -36.15
CA LEU B 159 -30.38 14.55 -35.37
C LEU B 159 -30.07 13.28 -36.14
N TRP B 160 -28.81 12.84 -36.09
CA TRP B 160 -28.41 11.57 -36.66
C TRP B 160 -27.38 10.87 -35.79
N HIS B 161 -27.74 9.71 -35.26
CA HIS B 161 -26.90 9.02 -34.29
C HIS B 161 -26.70 7.56 -34.68
N ALA B 162 -25.52 7.02 -34.36
CA ALA B 162 -25.05 5.79 -34.98
C ALA B 162 -24.44 4.85 -33.93
N ALA B 163 -24.54 3.56 -34.20
CA ALA B 163 -23.96 2.55 -33.30
C ALA B 163 -22.96 1.77 -34.16
N MET B 164 -21.67 1.86 -33.84
CA MET B 164 -20.62 1.13 -34.57
C MET B 164 -20.08 -0.04 -33.76
N LEU B 165 -20.02 -1.22 -34.39
CA LEU B 165 -19.48 -2.44 -33.75
C LEU B 165 -17.97 -2.41 -33.82
N VAL B 166 -17.31 -2.20 -32.70
CA VAL B 166 -15.85 -2.14 -32.69
C VAL B 166 -15.26 -3.44 -32.14
N HIS B 167 -15.72 -3.84 -30.95
CA HIS B 167 -15.38 -5.18 -30.43
C HIS B 167 -16.51 -5.78 -29.60
N THR B 168 -17.69 -5.78 -30.21
CA THR B 168 -18.91 -6.27 -29.62
C THR B 168 -18.98 -7.78 -29.71
N ASP B 169 -19.66 -8.38 -28.74
CA ASP B 169 -19.93 -9.82 -28.76
C ASP B 169 -20.99 -10.13 -29.80
N LEU B 170 -20.56 -10.52 -31.00
CA LEU B 170 -21.50 -10.70 -32.11
C LEU B 170 -22.40 -11.93 -31.94
N ASP B 171 -21.96 -12.86 -31.09
CA ASP B 171 -22.79 -14.03 -30.78
C ASP B 171 -23.97 -13.65 -29.88
N MET B 172 -23.72 -12.81 -28.87
CA MET B 172 -24.80 -12.34 -28.01
C MET B 172 -25.74 -11.47 -28.82
N LEU B 173 -25.19 -10.65 -29.71
CA LEU B 173 -25.98 -9.83 -30.60
C LEU B 173 -26.92 -10.70 -31.41
N SER B 174 -26.40 -11.76 -32.00
CA SER B 174 -27.23 -12.59 -32.88
C SER B 174 -28.32 -13.31 -32.10
N ALA B 175 -28.02 -13.69 -30.87
CA ALA B 175 -28.94 -14.48 -30.06
C ALA B 175 -30.10 -13.66 -29.51
N VAL B 176 -29.85 -12.39 -29.16
CA VAL B 176 -30.92 -11.59 -28.57
C VAL B 176 -31.86 -10.97 -29.59
N LEU B 177 -31.38 -10.77 -30.81
CA LEU B 177 -32.16 -10.11 -31.86
C LEU B 177 -33.02 -11.11 -32.62
N LYS B 178 -34.31 -11.08 -32.38
CA LYS B 178 -35.29 -11.47 -33.39
C LYS B 178 -36.07 -12.71 -32.97
N SER B 191 -28.77 -16.40 -40.91
CA SER B 191 -28.28 -15.99 -39.60
C SER B 191 -27.83 -14.53 -39.60
N THR B 192 -28.32 -13.76 -38.63
CA THR B 192 -27.91 -12.38 -38.46
C THR B 192 -26.39 -12.29 -38.24
N ARG B 193 -25.84 -13.25 -37.51
CA ARG B 193 -24.44 -13.22 -37.13
C ARG B 193 -23.54 -13.28 -38.36
N GLU B 194 -23.97 -14.03 -39.38
CA GLU B 194 -23.23 -14.12 -40.62
C GLU B 194 -22.94 -12.75 -41.22
N ARG B 195 -23.84 -11.81 -40.98
CA ARG B 195 -23.92 -10.58 -41.79
C ARG B 195 -23.33 -9.34 -41.12
N VAL B 196 -22.90 -9.49 -39.87
CA VAL B 196 -22.30 -8.38 -39.15
C VAL B 196 -20.84 -8.68 -38.89
N ALA B 197 -20.07 -7.65 -38.61
CA ALA B 197 -18.67 -7.78 -38.26
C ALA B 197 -18.26 -6.61 -37.37
N ASN B 198 -17.15 -6.80 -36.65
CA ASN B 198 -16.53 -5.74 -35.85
C ASN B 198 -15.47 -4.97 -36.64
N VAL B 199 -15.27 -3.70 -36.33
CA VAL B 199 -14.16 -2.97 -36.91
C VAL B 199 -12.84 -3.72 -36.66
N THR B 200 -12.70 -4.29 -35.47
CA THR B 200 -11.46 -5.02 -35.13
C THR B 200 -11.33 -6.37 -35.84
N ASP B 201 -12.37 -6.80 -36.57
CA ASP B 201 -12.24 -7.93 -37.49
C ASP B 201 -11.37 -7.57 -38.69
N PHE B 202 -11.18 -6.27 -38.92
CA PHE B 202 -10.48 -5.79 -40.11
C PHE B 202 -9.17 -5.08 -39.79
N VAL B 203 -9.16 -4.33 -38.69
CA VAL B 203 -8.01 -3.51 -38.36
C VAL B 203 -7.74 -3.53 -36.86
N ASP B 204 -6.47 -3.54 -36.48
CA ASP B 204 -6.09 -3.58 -35.07
C ASP B 204 -6.17 -2.19 -34.46
N VAL B 205 -7.32 -1.86 -33.85
CA VAL B 205 -7.53 -0.54 -33.28
C VAL B 205 -8.30 -0.59 -31.97
N SER B 206 -8.12 0.43 -31.14
CA SER B 206 -8.88 0.56 -29.89
C SER B 206 -10.10 1.43 -30.13
N ILE B 207 -11.09 1.32 -29.26
CA ILE B 207 -12.24 2.21 -29.30
C ILE B 207 -11.82 3.67 -29.36
N ASP B 208 -10.72 3.99 -28.68
CA ASP B 208 -10.27 5.36 -28.54
C ASP B 208 -9.67 5.87 -29.85
N GLU B 209 -8.99 4.99 -30.57
CA GLU B 209 -8.50 5.30 -31.92
C GLU B 209 -9.69 5.44 -32.89
N VAL B 210 -10.68 4.59 -32.74
CA VAL B 210 -11.87 4.73 -33.58
C VAL B 210 -12.50 6.11 -33.34
N ARG B 211 -12.76 6.43 -32.08
CA ARG B 211 -13.37 7.72 -31.72
C ARG B 211 -12.52 8.89 -32.27
N ASN B 212 -11.21 8.81 -32.12
CA ASN B 212 -10.36 9.90 -32.60
C ASN B 212 -10.41 10.03 -34.13
N ALA B 213 -10.52 8.91 -34.82
CA ALA B 213 -10.61 8.96 -36.28
C ALA B 213 -11.95 9.57 -36.70
N LEU B 214 -13.01 9.23 -35.95
CA LEU B 214 -14.33 9.81 -36.21
C LEU B 214 -14.35 11.32 -35.95
N ILE B 215 -13.68 11.77 -34.90
CA ILE B 215 -13.60 13.22 -34.63
C ILE B 215 -12.91 13.92 -35.79
N ARG B 216 -11.79 13.37 -36.23
CA ARG B 216 -11.04 13.94 -37.34
C ARG B 216 -11.86 13.94 -38.63
N GLY B 217 -12.48 12.81 -38.94
CA GLY B 217 -13.25 12.67 -40.18
C GLY B 217 -14.51 13.52 -40.22
N PHE B 218 -15.25 13.59 -39.12
CA PHE B 218 -16.39 14.49 -39.04
C PHE B 218 -15.95 15.99 -39.07
N SER B 219 -14.89 16.32 -38.37
CA SER B 219 -14.39 17.69 -38.40
C SER B 219 -14.08 18.10 -39.85
N GLU B 220 -13.30 17.26 -40.53
CA GLU B 220 -12.82 17.58 -41.86
C GLU B 220 -13.93 17.57 -42.88
N THR B 221 -14.90 16.67 -42.70
CA THR B 221 -15.94 16.48 -43.69
C THR B 221 -17.03 17.51 -43.55
N LEU B 222 -17.38 17.83 -42.30
CA LEU B 222 -18.38 18.84 -42.03
C LEU B 222 -17.79 20.25 -41.90
N HIS B 223 -16.46 20.36 -41.95
CA HIS B 223 -15.78 21.64 -41.73
C HIS B 223 -16.21 22.26 -40.40
N ILE B 224 -16.10 21.49 -39.34
CA ILE B 224 -16.38 21.99 -37.99
C ILE B 224 -15.20 21.74 -37.06
N ASP B 225 -14.86 22.75 -36.26
CA ASP B 225 -13.81 22.61 -35.25
C ASP B 225 -14.39 22.20 -33.91
N PHE B 226 -14.53 20.90 -33.69
CA PHE B 226 -15.11 20.38 -32.46
C PHE B 226 -14.14 20.50 -31.29
N ARG B 227 -14.53 21.27 -30.28
CA ARG B 227 -13.75 21.38 -29.05
C ARG B 227 -14.53 20.84 -27.85
N GLU B 228 -13.82 20.24 -26.91
CA GLU B 228 -14.45 19.58 -25.77
C GLU B 228 -15.38 20.53 -25.04
N ASP B 229 -16.54 20.02 -24.64
CA ASP B 229 -17.48 20.80 -23.82
C ASP B 229 -18.28 19.81 -22.96
N THR B 230 -19.01 20.33 -21.99
CA THR B 230 -19.92 19.47 -21.21
C THR B 230 -21.31 20.02 -21.39
N ILE B 231 -22.31 19.29 -20.89
CA ILE B 231 -23.71 19.70 -21.06
C ILE B 231 -24.07 20.86 -20.14
N THR B 232 -25.10 21.60 -20.50
CA THR B 232 -25.55 22.73 -19.70
C THR B 232 -26.55 22.27 -18.65
N GLU B 233 -26.85 23.14 -17.68
CA GLU B 233 -27.82 22.82 -16.64
C GLU B 233 -29.19 22.60 -17.24
N LYS B 234 -29.47 23.33 -18.31
CA LYS B 234 -30.74 23.21 -19.03
C LYS B 234 -30.83 21.83 -19.70
N GLU B 235 -29.78 21.44 -20.40
CA GLU B 235 -29.72 20.12 -21.05
C GLU B 235 -29.85 19.00 -20.00
N GLU B 236 -29.07 19.10 -18.93
CA GLU B 236 -29.10 18.12 -17.83
C GLU B 236 -30.49 18.00 -17.18
N SER B 237 -31.13 19.13 -16.90
CA SER B 237 -32.43 19.06 -16.22
C SER B 237 -33.56 18.55 -17.14
N LEU B 238 -33.48 18.85 -18.43
CA LEU B 238 -34.45 18.24 -19.36
C LEU B 238 -34.22 16.72 -19.43
N ALA B 239 -32.97 16.29 -19.46
CA ALA B 239 -32.66 14.87 -19.51
C ALA B 239 -33.18 14.15 -18.29
N ARG B 240 -33.00 14.78 -17.12
CA ARG B 240 -33.43 14.19 -15.86
C ARG B 240 -34.94 14.10 -15.79
N GLU B 241 -35.62 15.10 -16.36
CA GLU B 241 -37.08 15.07 -16.47
C GLU B 241 -37.54 13.97 -17.42
N LEU B 242 -36.86 13.85 -18.56
CA LEU B 242 -37.23 12.86 -19.57
C LEU B 242 -37.03 11.44 -19.05
N PHE B 243 -35.95 11.24 -18.29
CA PHE B 243 -35.71 9.97 -17.63
C PHE B 243 -36.82 9.68 -16.61
N ASP B 244 -37.06 10.62 -15.70
CA ASP B 244 -38.05 10.43 -14.64
C ASP B 244 -39.43 10.11 -15.19
N LYS B 245 -39.86 10.88 -16.18
CA LYS B 245 -41.22 10.81 -16.70
C LYS B 245 -41.40 9.76 -17.81
N LYS B 246 -40.32 9.43 -18.52
CA LYS B 246 -40.46 8.60 -19.70
C LYS B 246 -39.49 7.43 -19.78
N TYR B 247 -38.19 7.73 -19.91
CA TYR B 247 -37.23 6.66 -20.20
C TYR B 247 -37.09 5.61 -19.10
N SER B 248 -37.47 5.96 -17.86
CA SER B 248 -37.33 5.03 -16.75
C SER B 248 -38.52 4.10 -16.63
N THR B 249 -39.55 4.34 -17.43
CA THR B 249 -40.83 3.69 -17.22
C THR B 249 -41.03 2.46 -18.11
N GLU B 250 -41.77 1.48 -17.58
CA GLU B 250 -42.10 0.28 -18.35
C GLU B 250 -43.09 0.60 -19.46
N GLU B 251 -43.89 1.64 -19.25
CA GLU B 251 -44.84 2.09 -20.26
C GLU B 251 -44.13 2.56 -21.52
N TRP B 252 -43.14 3.43 -21.36
CA TRP B 252 -42.29 3.84 -22.46
C TRP B 252 -41.65 2.64 -23.14
N ASN B 253 -40.86 1.89 -22.39
CA ASN B 253 -39.94 0.92 -22.98
C ASN B 253 -40.68 -0.27 -23.54
N MET B 254 -41.64 -0.79 -22.79
CA MET B 254 -42.39 -1.98 -23.21
C MET B 254 -43.65 -1.66 -24.02
N GLY B 255 -44.03 -0.39 -24.05
CA GLY B 255 -45.26 0.05 -24.70
C GLY B 255 -46.54 -0.35 -23.98
N LEU B 256 -46.50 -0.41 -22.65
CA LEU B 256 -47.70 -0.80 -21.90
C LEU B 256 -48.69 0.36 -21.79
N LEU B 257 -49.99 0.05 -21.91
CA LEU B 257 -51.02 1.08 -21.95
C LEU B 257 -51.53 1.46 -20.57
N MET C 1 21.76 -29.30 10.28
CA MET C 1 22.96 -28.58 10.80
C MET C 1 24.03 -28.42 9.71
N GLU C 2 23.94 -29.21 8.66
CA GLU C 2 24.84 -29.05 7.51
C GLU C 2 24.28 -27.99 6.58
N GLY C 3 25.07 -26.97 6.28
CA GLY C 3 24.62 -25.88 5.41
C GLY C 3 25.41 -25.83 4.11
N ARG C 4 24.90 -25.07 3.15
CA ARG C 4 25.58 -24.83 1.88
C ARG C 4 26.14 -23.42 1.85
N LEU C 5 27.45 -23.31 1.79
CA LEU C 5 28.12 -22.03 1.55
C LEU C 5 28.31 -21.90 0.03
N LEU C 6 27.35 -21.26 -0.62
CA LEU C 6 27.34 -21.19 -2.08
C LEU C 6 28.41 -20.23 -2.59
N LEU C 7 29.32 -20.74 -3.41
CA LEU C 7 30.30 -19.90 -4.09
C LEU C 7 29.81 -19.50 -5.48
N LEU C 8 29.34 -18.26 -5.59
CA LEU C 8 28.55 -17.85 -6.75
C LEU C 8 28.34 -16.33 -6.75
N GLU C 9 28.79 -15.69 -7.83
CA GLU C 9 28.87 -14.23 -7.87
C GLU C 9 29.20 -13.73 -9.26
N THR C 10 28.41 -12.78 -9.75
CA THR C 10 28.67 -12.15 -11.04
C THR C 10 28.72 -10.63 -10.92
N PRO C 11 29.84 -10.13 -10.40
CA PRO C 11 29.94 -8.71 -10.02
C PRO C 11 29.81 -7.76 -11.20
N GLY C 12 30.09 -8.24 -12.40
CA GLY C 12 29.96 -7.42 -13.59
C GLY C 12 28.54 -7.43 -14.14
N ASN C 13 27.70 -8.27 -13.55
CA ASN C 13 26.31 -8.38 -13.98
C ASN C 13 25.34 -8.48 -12.79
N THR C 14 25.03 -7.32 -12.21
CA THR C 14 24.21 -7.25 -11.01
C THR C 14 22.82 -7.80 -11.24
N ARG C 15 22.30 -7.62 -12.45
CA ARG C 15 20.95 -8.10 -12.73
C ARG C 15 20.92 -9.62 -12.67
N MET C 16 21.98 -10.25 -13.17
CA MET C 16 22.08 -11.70 -13.08
C MET C 16 22.27 -12.14 -11.64
N SER C 17 23.13 -11.45 -10.91
CA SER C 17 23.36 -11.73 -9.51
C SER C 17 22.08 -11.68 -8.68
N LEU C 18 21.26 -10.66 -8.93
CA LEU C 18 19.96 -10.56 -8.25
C LEU C 18 19.01 -11.69 -8.68
N ALA C 19 19.10 -12.07 -9.94
CA ALA C 19 18.32 -13.20 -10.45
C ALA C 19 18.65 -14.49 -9.69
N TYR C 20 19.91 -14.63 -9.32
CA TYR C 20 20.36 -15.81 -8.57
C TYR C 20 19.69 -15.86 -7.20
N ASP C 21 19.57 -14.70 -6.56
CA ASP C 21 19.02 -14.63 -5.21
C ASP C 21 17.59 -15.16 -5.17
N GLU C 22 16.77 -14.72 -6.13
CA GLU C 22 15.40 -15.18 -6.23
C GLU C 22 15.34 -16.65 -6.59
N ALA C 23 16.23 -17.08 -7.47
CA ALA C 23 16.27 -18.47 -7.93
C ALA C 23 16.44 -19.43 -6.76
N ILE C 24 17.47 -19.17 -5.94
CA ILE C 24 17.82 -20.08 -4.86
C ILE C 24 16.81 -20.00 -3.72
N TYR C 25 16.18 -18.84 -3.59
CA TYR C 25 15.06 -18.68 -2.66
C TYR C 25 13.87 -19.54 -3.08
N ARG C 26 13.53 -19.48 -4.36
CA ARG C 26 12.24 -19.97 -4.84
C ARG C 26 12.32 -21.44 -5.22
N SER C 27 13.53 -21.92 -5.49
CA SER C 27 13.76 -23.34 -5.71
C SER C 27 13.83 -24.11 -4.40
N PHE C 28 14.25 -23.43 -3.34
CA PHE C 28 14.40 -24.06 -2.03
C PHE C 28 13.17 -24.89 -1.68
N GLN C 29 13.41 -26.06 -1.09
CA GLN C 29 12.32 -26.92 -0.62
C GLN C 29 12.46 -27.21 0.87
N TYR C 30 11.38 -27.03 1.61
CA TYR C 30 11.38 -27.26 3.05
C TYR C 30 12.19 -28.52 3.41
N GLY C 31 13.22 -28.34 4.21
CA GLY C 31 14.07 -29.45 4.63
C GLY C 31 15.41 -29.46 3.93
N ASP C 32 15.52 -28.69 2.85
CA ASP C 32 16.80 -28.44 2.21
C ASP C 32 17.82 -27.90 3.21
N LYS C 33 19.10 -28.05 2.89
CA LYS C 33 20.16 -27.45 3.69
C LYS C 33 20.12 -25.93 3.56
N PRO C 34 20.24 -25.23 4.68
CA PRO C 34 20.30 -23.77 4.67
C PRO C 34 21.40 -23.26 3.74
N ILE C 35 21.19 -22.11 3.11
CA ILE C 35 22.15 -21.58 2.16
C ILE C 35 22.65 -20.24 2.67
N LEU C 36 23.96 -20.05 2.63
CA LEU C 36 24.60 -18.78 2.93
C LEU C 36 25.46 -18.40 1.72
N ARG C 37 25.03 -17.37 1.00
CA ARG C 37 25.66 -16.95 -0.25
C ARG C 37 26.30 -15.60 -0.06
N PHE C 38 27.59 -15.49 -0.34
CA PHE C 38 28.25 -14.19 -0.36
C PHE C 38 28.44 -13.76 -1.81
N TYR C 39 28.29 -12.46 -2.05
CA TYR C 39 28.48 -11.95 -3.39
C TYR C 39 28.76 -10.45 -3.37
N ARG C 40 29.32 -9.97 -4.47
CA ARG C 40 29.59 -8.55 -4.62
C ARG C 40 29.13 -8.08 -5.99
N HIS C 41 28.92 -6.76 -6.10
CA HIS C 41 28.59 -6.13 -7.36
C HIS C 41 29.52 -4.95 -7.61
N ASP C 42 29.92 -4.76 -8.87
CA ASP C 42 30.59 -3.51 -9.22
C ASP C 42 29.53 -2.43 -9.16
N ARG C 43 29.94 -1.17 -9.31
CA ARG C 43 29.03 -0.05 -9.12
C ARG C 43 27.59 -0.32 -9.58
N SER C 44 26.69 -0.38 -8.61
CA SER C 44 25.27 -0.54 -8.88
C SER C 44 24.47 0.23 -7.84
N VAL C 45 23.28 0.66 -8.22
CA VAL C 45 22.27 1.01 -7.23
C VAL C 45 21.20 -0.05 -7.33
N ILE C 46 20.84 -0.64 -6.20
CA ILE C 46 19.86 -1.70 -6.17
C ILE C 46 18.60 -1.14 -5.50
N ILE C 47 17.50 -1.09 -6.24
CA ILE C 47 16.27 -0.57 -5.69
C ILE C 47 15.36 -1.72 -5.31
N GLY C 48 14.38 -1.45 -4.45
CA GLY C 48 13.46 -2.48 -4.00
C GLY C 48 12.30 -2.68 -4.95
N TYR C 49 11.57 -3.76 -4.71
CA TYR C 49 10.49 -4.19 -5.58
C TYR C 49 9.47 -3.09 -5.86
N PHE C 50 9.16 -2.29 -4.84
CA PHE C 50 8.04 -1.33 -4.91
C PHE C 50 8.49 0.08 -5.33
N GLN C 51 9.80 0.25 -5.57
CA GLN C 51 10.38 1.59 -5.76
C GLN C 51 10.28 2.18 -7.18
N VAL C 52 10.08 3.49 -7.23
CA VAL C 52 10.17 4.27 -8.46
C VAL C 52 11.62 4.72 -8.66
N ALA C 53 12.23 4.26 -9.74
CA ALA C 53 13.67 4.47 -9.96
C ALA C 53 14.02 5.96 -9.92
N GLU C 54 13.20 6.77 -10.59
CA GLU C 54 13.52 8.18 -10.78
C GLU C 54 13.43 8.95 -9.48
N GLU C 55 12.72 8.39 -8.51
CA GLU C 55 12.53 9.03 -7.22
C GLU C 55 13.68 8.71 -6.27
N GLU C 56 14.36 7.61 -6.52
CA GLU C 56 15.25 7.00 -5.54
C GLU C 56 16.71 7.32 -5.85
N VAL C 57 17.04 7.36 -7.13
CA VAL C 57 18.43 7.48 -7.56
C VAL C 57 18.60 8.63 -8.56
N ASP C 58 19.80 9.17 -8.64
CA ASP C 58 20.12 10.22 -9.60
C ASP C 58 20.56 9.62 -10.94
N LEU C 59 19.61 9.43 -11.84
CA LEU C 59 19.80 8.55 -12.99
C LEU C 59 20.77 9.16 -13.99
N ASP C 60 20.98 10.47 -13.89
CA ASP C 60 21.95 11.17 -14.72
C ASP C 60 23.37 10.95 -14.19
N TYR C 61 23.54 11.09 -12.89
CA TYR C 61 24.83 10.83 -12.25
C TYR C 61 25.23 9.37 -12.40
N MET C 62 24.24 8.50 -12.57
CA MET C 62 24.49 7.06 -12.66
C MET C 62 25.07 6.69 -14.02
N LYS C 63 24.34 7.00 -15.09
CA LYS C 63 24.90 7.01 -16.43
C LYS C 63 26.25 7.71 -16.46
N LYS C 64 26.34 8.85 -15.78
CA LYS C 64 27.56 9.65 -15.77
C LYS C 64 28.75 8.82 -15.30
N ASN C 65 28.54 8.02 -14.27
CA ASN C 65 29.64 7.42 -13.53
C ASN C 65 29.71 5.90 -13.72
N GLY C 66 28.99 5.41 -14.72
CA GLY C 66 28.99 3.99 -15.03
C GLY C 66 28.39 3.16 -13.92
N ILE C 67 27.34 3.68 -13.29
CA ILE C 67 26.64 2.96 -12.23
C ILE C 67 25.42 2.24 -12.77
N MET C 68 25.30 0.96 -12.45
CA MET C 68 24.20 0.14 -12.95
C MET C 68 22.99 0.21 -12.02
N LEU C 69 21.82 0.43 -12.60
CA LEU C 69 20.56 0.26 -11.89
C LEU C 69 20.06 -1.19 -11.99
N ALA C 70 19.68 -1.75 -10.84
CA ALA C 70 19.10 -3.09 -10.81
C ALA C 70 18.04 -3.20 -9.72
N ARG C 71 16.92 -3.84 -10.06
CA ARG C 71 15.82 -4.00 -9.12
C ARG C 71 15.81 -5.40 -8.51
N ARG C 72 15.88 -5.46 -7.19
CA ARG C 72 16.00 -6.73 -6.48
C ARG C 72 14.63 -7.31 -6.17
N TYR C 73 14.60 -8.61 -5.83
CA TYR C 73 13.35 -9.30 -5.54
C TYR C 73 12.61 -8.63 -4.38
N THR C 74 13.33 -8.32 -3.31
CA THR C 74 12.72 -7.95 -2.05
C THR C 74 12.25 -6.50 -2.08
N GLY C 75 11.40 -6.14 -1.12
CA GLY C 75 11.05 -4.74 -0.89
C GLY C 75 12.16 -4.02 -0.16
N GLY C 76 11.83 -2.87 0.42
CA GLY C 76 12.85 -2.08 1.09
C GLY C 76 13.36 -0.96 0.22
N GLY C 77 14.39 -0.26 0.68
CA GLY C 77 14.85 0.94 0.02
C GLY C 77 16.08 0.72 -0.86
N ALA C 78 16.68 1.83 -1.29
CA ALA C 78 17.74 1.77 -2.30
C ALA C 78 19.09 1.90 -1.66
N VAL C 79 20.06 1.20 -2.24
CA VAL C 79 21.39 1.15 -1.69
C VAL C 79 22.40 1.18 -2.81
N TYR C 80 23.58 1.69 -2.49
CA TYR C 80 24.67 1.71 -3.46
C TYR C 80 25.65 0.58 -3.18
N HIS C 81 26.03 -0.14 -4.24
CA HIS C 81 27.02 -1.20 -4.13
C HIS C 81 28.24 -0.87 -4.96
N ASP C 82 29.41 -1.18 -4.42
CA ASP C 82 30.61 -1.29 -5.24
C ASP C 82 31.42 -2.49 -4.72
N LEU C 83 32.62 -2.67 -5.28
CA LEU C 83 33.43 -3.84 -4.99
C LEU C 83 33.92 -3.84 -3.55
N GLY C 84 33.61 -2.76 -2.83
CA GLY C 84 33.94 -2.67 -1.42
C GLY C 84 32.75 -2.98 -0.52
N ASP C 85 31.64 -3.34 -1.14
CA ASP C 85 30.44 -3.71 -0.40
C ASP C 85 30.21 -5.22 -0.42
N LEU C 86 30.08 -5.81 0.76
CA LEU C 86 29.86 -7.25 0.87
C LEU C 86 28.38 -7.57 1.07
N ASN C 87 27.79 -8.25 0.09
CA ASN C 87 26.44 -8.78 0.24
C ASN C 87 26.44 -10.26 0.61
N PHE C 88 25.37 -10.69 1.27
CA PHE C 88 25.18 -12.10 1.57
C PHE C 88 23.71 -12.37 1.75
N SER C 89 23.28 -13.56 1.34
CA SER C 89 21.90 -13.99 1.52
C SER C 89 21.82 -15.27 2.34
N VAL C 90 20.77 -15.40 3.14
CA VAL C 90 20.48 -16.65 3.84
C VAL C 90 19.08 -17.15 3.50
N VAL C 91 19.00 -18.41 3.08
CA VAL C 91 17.74 -19.03 2.79
C VAL C 91 17.63 -20.25 3.69
N ARG C 92 16.57 -20.33 4.47
CA ARG C 92 16.36 -21.43 5.39
C ARG C 92 14.93 -21.93 5.31
N SER C 93 14.72 -23.17 5.76
CA SER C 93 13.38 -23.73 5.92
C SER C 93 12.60 -22.87 6.91
N SER C 94 11.28 -22.82 6.76
CA SER C 94 10.47 -21.96 7.61
C SER C 94 9.20 -22.66 8.10
N ASP C 95 8.84 -22.37 9.35
CA ASP C 95 7.65 -22.96 9.96
C ASP C 95 6.54 -21.94 10.21
N ASP C 96 6.85 -20.65 10.09
CA ASP C 96 5.91 -19.60 10.44
C ASP C 96 6.09 -18.41 9.52
N MET C 97 5.33 -17.35 9.75
CA MET C 97 5.49 -16.12 8.98
C MET C 97 6.02 -14.98 9.85
N ASP C 98 6.82 -15.33 10.85
CA ASP C 98 7.31 -14.35 11.80
C ASP C 98 8.54 -13.63 11.23
N ILE C 99 8.28 -12.68 10.35
CA ILE C 99 9.38 -11.97 9.70
C ILE C 99 10.18 -11.18 10.73
N THR C 100 9.53 -10.68 11.76
CA THR C 100 10.23 -9.87 12.76
C THR C 100 11.31 -10.68 13.47
N SER C 101 11.01 -11.93 13.75
CA SER C 101 11.93 -12.82 14.46
C SER C 101 13.10 -13.23 13.57
N MET C 102 12.84 -13.42 12.28
CA MET C 102 13.92 -13.66 11.31
C MET C 102 14.95 -12.55 11.35
N PHE C 103 14.51 -11.31 11.36
CA PHE C 103 15.42 -10.20 11.35
C PHE C 103 16.24 -10.15 12.61
N ARG C 104 15.57 -10.39 13.74
CA ARG C 104 16.24 -10.34 15.02
C ARG C 104 17.31 -11.41 15.08
N THR C 105 16.98 -12.60 14.62
CA THR C 105 17.92 -13.73 14.57
C THR C 105 19.11 -13.42 13.67
N MET C 106 18.83 -13.04 12.43
CA MET C 106 19.90 -12.73 11.49
C MET C 106 20.77 -11.60 12.02
N ASN C 107 20.14 -10.57 12.56
CA ASN C 107 20.85 -9.45 13.16
C ASN C 107 21.78 -9.90 14.28
N GLU C 108 21.30 -10.83 15.10
CA GLU C 108 22.11 -11.41 16.17
C GLU C 108 23.37 -12.07 15.61
N ALA C 109 23.19 -12.87 14.56
CA ALA C 109 24.31 -13.52 13.89
C ALA C 109 25.35 -12.49 13.44
N VAL C 110 24.87 -11.38 12.88
CA VAL C 110 25.76 -10.33 12.40
C VAL C 110 26.50 -9.66 13.56
N VAL C 111 25.76 -9.32 14.61
CA VAL C 111 26.35 -8.73 15.81
C VAL C 111 27.49 -9.60 16.34
N ASN C 112 27.23 -10.90 16.49
CA ASN C 112 28.27 -11.85 16.93
C ASN C 112 29.44 -11.94 15.97
N SER C 113 29.13 -11.97 14.67
CA SER C 113 30.15 -11.96 13.65
C SER C 113 31.06 -10.76 13.83
N LEU C 114 30.47 -9.59 13.96
CA LEU C 114 31.23 -8.34 14.05
C LEU C 114 32.05 -8.30 15.33
N ARG C 115 31.53 -8.91 16.39
CA ARG C 115 32.26 -9.01 17.65
C ARG C 115 33.56 -9.77 17.48
N ILE C 116 33.56 -10.75 16.58
CA ILE C 116 34.78 -11.47 16.21
C ILE C 116 35.85 -10.51 15.71
N LEU C 117 35.42 -9.44 15.05
CA LEU C 117 36.33 -8.50 14.42
C LEU C 117 36.66 -7.32 15.34
N GLY C 118 36.08 -7.31 16.54
CA GLY C 118 36.33 -6.24 17.51
C GLY C 118 35.49 -5.00 17.30
N LEU C 119 34.40 -5.15 16.56
CA LEU C 119 33.51 -4.04 16.22
C LEU C 119 32.17 -4.21 16.93
N ASP C 120 31.83 -3.22 17.74
CA ASP C 120 30.62 -3.21 18.54
C ASP C 120 29.52 -2.60 17.69
N ALA C 121 28.47 -3.38 17.43
CA ALA C 121 27.34 -2.92 16.63
C ALA C 121 26.05 -3.61 17.05
N ARG C 122 24.94 -3.16 16.49
CA ARG C 122 23.63 -3.43 17.07
C ARG C 122 22.50 -3.03 16.13
N PRO C 123 21.50 -3.88 16.01
CA PRO C 123 20.26 -3.53 15.30
C PRO C 123 19.71 -2.18 15.74
N GLY C 124 19.23 -1.40 14.79
CA GLY C 124 18.56 -0.14 15.08
C GLY C 124 17.29 -0.39 15.89
N GLU C 125 16.75 0.68 16.47
CA GLU C 125 15.64 0.51 17.40
C GLU C 125 14.32 1.12 16.94
N LEU C 126 14.35 1.90 15.86
CA LEU C 126 13.13 2.58 15.37
C LEU C 126 12.28 1.70 14.47
N ASN C 127 10.97 1.86 14.55
CA ASN C 127 10.05 0.98 13.84
C ASN C 127 9.60 1.51 12.49
N ASP C 128 9.95 2.75 12.17
CA ASP C 128 9.61 3.33 10.88
C ASP C 128 10.47 2.72 9.76
N VAL C 129 9.85 2.40 8.63
CA VAL C 129 10.49 1.56 7.62
C VAL C 129 11.18 2.42 6.56
N SER C 130 11.01 3.73 6.66
CA SER C 130 11.24 4.63 5.53
C SER C 130 12.27 5.70 5.89
N ILE C 131 12.82 5.61 7.09
CA ILE C 131 13.93 6.47 7.50
C ILE C 131 15.27 5.86 7.12
N PRO C 132 16.28 6.71 6.96
CA PRO C 132 17.57 6.27 6.41
C PRO C 132 18.42 5.37 7.31
N VAL C 133 18.35 5.59 8.62
CA VAL C 133 19.23 4.91 9.55
C VAL C 133 18.48 4.53 10.82
N ASN C 134 18.89 3.42 11.43
CA ASN C 134 18.48 3.09 12.79
C ASN C 134 17.11 2.42 12.79
N LYS C 135 16.75 1.82 11.65
CA LYS C 135 15.66 0.86 11.58
C LYS C 135 16.06 -0.48 12.20
N LYS C 136 15.07 -1.31 12.50
CA LYS C 136 15.31 -2.63 13.06
C LYS C 136 16.02 -3.58 12.08
N THR C 137 16.06 -3.18 10.81
CA THR C 137 16.72 -3.98 9.77
C THR C 137 18.13 -3.47 9.52
N ASP C 138 18.46 -2.33 10.11
CA ASP C 138 19.82 -1.79 10.01
C ASP C 138 20.69 -2.33 11.14
N ILE C 139 21.99 -2.48 10.87
CA ILE C 139 22.94 -2.73 11.92
C ILE C 139 23.75 -1.45 12.12
N MET C 140 23.79 -0.98 13.36
CA MET C 140 24.40 0.30 13.68
C MET C 140 25.64 0.06 14.53
N ALA C 141 26.76 0.61 14.10
CA ALA C 141 27.93 0.68 14.96
C ALA C 141 27.87 2.02 15.66
N GLY C 142 27.21 2.06 16.81
CA GLY C 142 26.95 3.31 17.51
C GLY C 142 26.07 4.21 16.67
N GLU C 143 26.47 5.45 16.48
CA GLU C 143 25.68 6.40 15.70
C GLU C 143 25.61 6.10 14.19
N LYS C 144 26.42 5.16 13.72
CA LYS C 144 26.64 4.96 12.28
C LYS C 144 26.05 3.67 11.71
N LYS C 145 25.34 3.77 10.58
CA LYS C 145 24.87 2.60 9.84
C LYS C 145 26.02 1.97 9.05
N ILE C 146 26.20 0.66 9.22
CA ILE C 146 27.23 -0.08 8.47
C ILE C 146 26.65 -1.19 7.59
N MET C 147 25.37 -1.51 7.78
CA MET C 147 24.75 -2.61 7.07
C MET C 147 23.26 -2.40 7.01
N GLY C 148 22.64 -2.79 5.89
CA GLY C 148 21.18 -2.83 5.79
C GLY C 148 20.69 -4.17 5.28
N ALA C 149 19.42 -4.48 5.48
CA ALA C 149 18.93 -5.80 5.07
C ALA C 149 17.47 -5.77 4.63
N ALA C 150 17.07 -6.79 3.88
CA ALA C 150 15.67 -6.93 3.51
C ALA C 150 15.38 -8.42 3.46
N GLY C 151 14.12 -8.81 3.36
CA GLY C 151 13.88 -10.22 3.28
C GLY C 151 12.48 -10.48 2.79
N ALA C 152 12.14 -11.76 2.70
CA ALA C 152 10.80 -12.18 2.27
C ALA C 152 10.51 -13.53 2.87
N MET C 153 9.23 -13.85 2.98
CA MET C 153 8.81 -15.14 3.52
C MET C 153 7.77 -15.80 2.63
N ARG C 154 7.34 -17.00 3.01
CA ARG C 154 6.89 -18.00 2.06
C ARG C 154 6.66 -19.35 2.73
N LYS C 155 5.41 -19.76 2.81
CA LYS C 155 5.06 -21.13 3.19
C LYS C 155 6.19 -22.09 2.85
N GLY C 156 7.06 -22.36 3.83
CA GLY C 156 8.15 -23.31 3.65
C GLY C 156 9.57 -22.76 3.71
N ALA C 157 9.73 -21.49 3.35
CA ALA C 157 11.05 -20.92 3.15
C ALA C 157 11.08 -19.44 3.52
N LYS C 158 12.24 -18.96 3.95
CA LYS C 158 12.44 -17.54 4.19
C LYS C 158 13.73 -17.04 3.54
N LEU C 159 13.71 -15.79 3.10
CA LEU C 159 14.91 -15.15 2.56
C LEU C 159 15.30 -13.93 3.37
N TRP C 160 16.59 -13.83 3.70
CA TRP C 160 17.13 -12.62 4.31
C TRP C 160 18.48 -12.26 3.70
N HIS C 161 18.57 -11.07 3.12
CA HIS C 161 19.78 -10.66 2.41
C HIS C 161 20.12 -9.20 2.70
N ALA C 162 21.39 -8.85 2.53
CA ALA C 162 22.05 -7.90 3.42
C ALA C 162 23.31 -7.32 2.78
N ALA C 163 23.47 -6.01 2.88
CA ALA C 163 24.54 -5.32 2.20
C ALA C 163 25.38 -4.60 3.24
N MET C 164 26.63 -5.03 3.39
CA MET C 164 27.51 -4.48 4.42
C MET C 164 28.57 -3.61 3.80
N LEU C 165 28.75 -2.42 4.36
CA LEU C 165 29.77 -1.49 3.89
C LEU C 165 31.12 -1.78 4.53
N VAL C 166 32.07 -2.28 3.76
CA VAL C 166 33.39 -2.59 4.31
C VAL C 166 34.44 -1.57 3.89
N HIS C 167 34.53 -1.33 2.59
CA HIS C 167 35.43 -0.29 2.11
C HIS C 167 34.85 0.37 0.87
N THR C 168 33.56 0.67 0.96
CA THR C 168 32.80 1.29 -0.12
C THR C 168 33.12 2.77 -0.23
N ASP C 169 33.04 3.31 -1.44
CA ASP C 169 33.16 4.75 -1.64
C ASP C 169 31.92 5.45 -1.10
N LEU C 170 32.00 5.95 0.13
CA LEU C 170 30.84 6.46 0.83
C LEU C 170 30.36 7.78 0.23
N ASP C 171 31.25 8.44 -0.51
CA ASP C 171 30.92 9.72 -1.12
C ASP C 171 30.07 9.52 -2.38
N MET C 172 30.50 8.60 -3.24
CA MET C 172 29.68 8.16 -4.36
C MET C 172 28.33 7.64 -3.89
N LEU C 173 28.34 6.92 -2.77
CA LEU C 173 27.11 6.43 -2.18
C LEU C 173 26.14 7.56 -1.89
N SER C 174 26.65 8.63 -1.28
CA SER C 174 25.81 9.77 -0.89
C SER C 174 25.34 10.58 -2.10
N ALA C 175 26.06 10.48 -3.22
CA ALA C 175 25.73 11.25 -4.41
C ALA C 175 24.62 10.62 -5.25
N VAL C 176 24.67 9.30 -5.41
CA VAL C 176 23.72 8.60 -6.28
C VAL C 176 22.32 8.60 -5.68
N LEU C 177 22.24 8.51 -4.35
CA LEU C 177 21.01 8.14 -3.67
C LEU C 177 20.13 9.37 -3.45
N LYS C 178 18.82 9.18 -3.56
CA LYS C 178 17.86 10.23 -3.26
C LYS C 178 17.92 11.34 -4.32
N SER C 191 23.72 15.25 5.74
CA SER C 191 24.11 14.44 4.60
C SER C 191 24.00 12.95 4.91
N THR C 192 23.37 12.21 4.01
CA THR C 192 23.55 10.76 3.94
C THR C 192 24.99 10.37 4.25
N ARG C 193 25.94 11.06 3.64
CA ARG C 193 27.35 10.80 3.85
C ARG C 193 27.69 10.77 5.34
N GLU C 194 26.91 11.51 6.12
CA GLU C 194 27.18 11.65 7.55
C GLU C 194 26.66 10.46 8.34
N ARG C 195 25.67 9.77 7.77
CA ARG C 195 24.93 8.73 8.50
C ARG C 195 25.53 7.33 8.41
N VAL C 196 26.43 7.14 7.44
CA VAL C 196 26.97 5.82 7.13
C VAL C 196 28.46 5.75 7.39
N ALA C 197 28.96 4.54 7.60
CA ALA C 197 30.38 4.32 7.78
C ALA C 197 30.77 2.94 7.27
N ASN C 198 32.05 2.76 6.96
CA ASN C 198 32.56 1.48 6.53
C ASN C 198 33.04 0.69 7.74
N VAL C 199 33.04 -0.63 7.61
CA VAL C 199 33.58 -1.46 8.66
C VAL C 199 35.05 -1.12 8.86
N THR C 200 35.76 -0.84 7.77
CA THR C 200 37.18 -0.46 7.89
C THR C 200 37.36 0.89 8.59
N ASP C 201 36.29 1.64 8.78
CA ASP C 201 36.37 2.91 9.52
C ASP C 201 36.59 2.67 11.01
N PHE C 202 36.27 1.47 11.47
CA PHE C 202 36.42 1.11 12.88
C PHE C 202 37.61 0.19 13.10
N VAL C 203 37.71 -0.85 12.29
CA VAL C 203 38.75 -1.85 12.42
C VAL C 203 39.49 -2.07 11.10
N ASP C 204 40.75 -2.49 11.18
CA ASP C 204 41.59 -2.74 10.01
C ASP C 204 41.43 -4.18 9.52
N VAL C 205 40.49 -4.42 8.63
CA VAL C 205 40.24 -5.77 8.11
C VAL C 205 40.01 -5.79 6.61
N SER C 206 40.16 -6.97 6.00
CA SER C 206 39.82 -7.16 4.60
C SER C 206 38.40 -7.67 4.44
N ILE C 207 38.02 -7.95 3.21
CA ILE C 207 36.65 -8.37 2.90
C ILE C 207 36.58 -9.89 2.74
N ASP C 208 37.74 -10.52 2.69
CA ASP C 208 37.89 -11.88 3.20
C ASP C 208 37.63 -11.96 4.70
N GLU C 209 38.42 -11.23 5.48
CA GLU C 209 38.33 -11.33 6.93
C GLU C 209 36.89 -11.17 7.41
N VAL C 210 36.20 -10.18 6.83
CA VAL C 210 34.80 -9.91 7.19
C VAL C 210 33.92 -11.10 6.82
N ARG C 211 34.06 -11.62 5.60
CA ARG C 211 33.29 -12.78 5.17
C ARG C 211 33.50 -13.96 6.10
N ASN C 212 34.75 -14.22 6.46
CA ASN C 212 35.10 -15.31 7.35
C ASN C 212 34.44 -15.15 8.73
N ALA C 213 34.49 -13.93 9.27
CA ALA C 213 33.89 -13.65 10.56
C ALA C 213 32.37 -13.88 10.52
N LEU C 214 31.77 -13.66 9.37
CA LEU C 214 30.33 -13.83 9.20
C LEU C 214 29.97 -15.30 9.06
N ILE C 215 30.81 -16.05 8.34
CA ILE C 215 30.69 -17.49 8.29
C ILE C 215 30.79 -18.10 9.68
N ARG C 216 31.66 -17.53 10.52
CA ARG C 216 31.84 -18.01 11.88
C ARG C 216 30.65 -17.66 12.75
N GLY C 217 30.24 -16.39 12.71
CA GLY C 217 29.13 -15.92 13.52
C GLY C 217 27.82 -16.60 13.17
N PHE C 218 27.53 -16.70 11.88
CA PHE C 218 26.29 -17.34 11.44
C PHE C 218 26.31 -18.82 11.78
N SER C 219 27.46 -19.45 11.61
CA SER C 219 27.60 -20.86 11.96
C SER C 219 27.28 -21.10 13.43
N GLU C 220 27.97 -20.37 14.30
CA GLU C 220 27.79 -20.50 15.75
C GLU C 220 26.39 -20.10 16.21
N THR C 221 25.85 -19.03 15.62
CA THR C 221 24.56 -18.47 16.04
C THR C 221 23.38 -19.33 15.60
N LEU C 222 23.44 -19.84 14.37
CA LEU C 222 22.35 -20.66 13.84
C LEU C 222 22.65 -22.14 14.02
N HIS C 223 23.75 -22.44 14.68
CA HIS C 223 24.22 -23.82 14.80
C HIS C 223 24.17 -24.55 13.47
N ILE C 224 24.99 -24.08 12.52
CA ILE C 224 25.08 -24.72 11.22
C ILE C 224 26.54 -24.88 10.79
N ASP C 225 26.90 -26.09 10.38
CA ASP C 225 28.17 -26.32 9.69
C ASP C 225 28.04 -26.06 8.20
N PHE C 226 28.36 -24.85 7.78
CA PHE C 226 28.33 -24.49 6.37
C PHE C 226 29.52 -25.08 5.63
N ARG C 227 29.25 -25.86 4.59
CA ARG C 227 30.29 -26.44 3.76
C ARG C 227 30.15 -25.90 2.34
N GLU C 228 31.24 -25.42 1.77
CA GLU C 228 31.20 -24.85 0.43
C GLU C 228 30.55 -25.80 -0.58
N ASP C 229 29.71 -25.25 -1.45
CA ASP C 229 29.00 -26.03 -2.46
C ASP C 229 28.82 -25.20 -3.74
N THR C 230 28.28 -25.81 -4.78
CA THR C 230 27.96 -25.11 -6.00
C THR C 230 26.46 -25.09 -6.26
N ILE C 231 26.01 -24.17 -7.10
CA ILE C 231 24.61 -24.12 -7.52
C ILE C 231 24.21 -25.41 -8.23
N THR C 232 22.96 -25.82 -8.02
CA THR C 232 22.40 -26.96 -8.74
C THR C 232 21.92 -26.55 -10.13
N GLU C 233 21.76 -27.53 -11.00
CA GLU C 233 21.15 -27.30 -12.31
C GLU C 233 19.74 -26.72 -12.17
N LYS C 234 19.02 -27.19 -11.16
CA LYS C 234 17.67 -26.70 -10.89
C LYS C 234 17.68 -25.20 -10.58
N GLU C 235 18.58 -24.78 -9.69
CA GLU C 235 18.72 -23.37 -9.33
C GLU C 235 19.29 -22.55 -10.50
N GLU C 236 20.32 -23.07 -11.17
CA GLU C 236 20.90 -22.38 -12.30
C GLU C 236 19.89 -22.26 -13.44
N SER C 237 19.11 -23.31 -13.61
CA SER C 237 18.02 -23.33 -14.58
C SER C 237 16.99 -22.22 -14.34
N LEU C 238 16.46 -22.13 -13.13
CA LEU C 238 15.49 -21.10 -12.79
C LEU C 238 16.11 -19.70 -12.93
N ALA C 239 17.35 -19.56 -12.48
CA ALA C 239 17.99 -18.25 -12.42
C ALA C 239 18.12 -17.63 -13.81
N ARG C 240 18.43 -18.47 -14.80
CA ARG C 240 18.63 -18.01 -16.17
C ARG C 240 17.30 -17.71 -16.85
N GLU C 241 16.28 -18.49 -16.52
CA GLU C 241 14.91 -18.18 -16.92
C GLU C 241 14.48 -16.81 -16.41
N LEU C 242 14.85 -16.50 -15.17
CA LEU C 242 14.44 -15.25 -14.53
C LEU C 242 15.19 -14.06 -15.12
N PHE C 243 16.47 -14.25 -15.44
CA PHE C 243 17.27 -13.20 -16.09
C PHE C 243 16.73 -12.89 -17.48
N ASP C 244 16.58 -13.92 -18.31
CA ASP C 244 16.09 -13.73 -19.68
C ASP C 244 14.75 -13.02 -19.67
N LYS C 245 13.83 -13.53 -18.86
CA LYS C 245 12.45 -13.06 -18.89
C LYS C 245 12.14 -11.87 -17.98
N LYS C 246 13.05 -11.54 -17.08
CA LYS C 246 12.81 -10.50 -16.08
C LYS C 246 14.03 -9.59 -15.92
N TYR C 247 15.00 -10.05 -15.15
CA TYR C 247 15.97 -9.14 -14.53
C TYR C 247 16.82 -8.44 -15.59
N SER C 248 16.71 -8.91 -16.82
CA SER C 248 17.46 -8.32 -17.93
C SER C 248 16.67 -7.20 -18.60
N THR C 249 15.39 -7.09 -18.25
CA THR C 249 14.46 -6.25 -18.99
C THR C 249 14.34 -4.87 -18.37
N GLU C 250 14.12 -3.86 -19.21
CA GLU C 250 13.86 -2.51 -18.74
C GLU C 250 12.50 -2.43 -18.05
N GLU C 251 11.56 -3.27 -18.49
CA GLU C 251 10.26 -3.35 -17.85
C GLU C 251 10.39 -3.63 -16.35
N TRP C 252 11.17 -4.64 -16.01
CA TRP C 252 11.42 -4.97 -14.62
C TRP C 252 12.16 -3.86 -13.90
N ASN C 253 13.31 -3.46 -14.45
CA ASN C 253 14.23 -2.58 -13.74
C ASN C 253 13.72 -1.16 -13.64
N MET C 254 13.22 -0.63 -14.76
CA MET C 254 12.78 0.76 -14.83
C MET C 254 11.29 0.88 -14.54
N GLY C 255 10.61 -0.27 -14.47
CA GLY C 255 9.17 -0.29 -14.22
C GLY C 255 8.39 0.35 -15.35
N LEU C 256 8.81 0.09 -16.58
CA LEU C 256 8.07 0.53 -17.75
C LEU C 256 7.03 -0.50 -18.19
N LEU C 257 5.82 -0.02 -18.49
CA LEU C 257 4.72 -0.91 -18.86
C LEU C 257 4.79 -1.32 -20.32
N MET D 1 10.11 -14.62 46.45
CA MET D 1 11.24 -14.67 45.51
C MET D 1 12.36 -13.73 45.94
N GLU D 2 13.59 -14.16 45.73
CA GLU D 2 14.74 -13.54 46.39
C GLU D 2 15.55 -12.69 45.42
N GLY D 3 15.70 -11.41 45.75
CA GLY D 3 16.38 -10.48 44.87
C GLY D 3 17.61 -9.88 45.53
N ARG D 4 18.53 -9.39 44.69
CA ARG D 4 19.71 -8.68 45.20
C ARG D 4 19.52 -7.17 45.08
N LEU D 5 19.61 -6.48 46.22
CA LEU D 5 19.81 -5.04 46.23
C LEU D 5 21.29 -4.68 46.20
N LEU D 6 21.77 -4.34 45.02
CA LEU D 6 23.18 -4.11 44.83
C LEU D 6 23.44 -2.74 45.38
N LEU D 7 24.21 -2.68 46.46
CA LEU D 7 24.94 -1.47 46.82
C LEU D 7 26.19 -1.30 45.96
N LEU D 8 26.11 -0.37 45.01
CA LEU D 8 27.19 -0.19 44.05
C LEU D 8 27.05 1.15 43.31
N GLU D 9 28.01 2.04 43.51
CA GLU D 9 28.02 3.32 42.83
C GLU D 9 29.43 3.94 42.84
N THR D 10 29.80 4.55 41.72
CA THR D 10 31.06 5.26 41.62
C THR D 10 30.86 6.68 41.10
N PRO D 11 30.22 7.51 41.91
CA PRO D 11 29.68 8.80 41.43
C PRO D 11 30.75 9.63 40.73
N GLY D 12 32.01 9.40 41.09
CA GLY D 12 33.11 10.18 40.54
C GLY D 12 33.66 9.57 39.27
N ASN D 13 33.08 8.46 38.85
CA ASN D 13 33.45 7.81 37.58
C ASN D 13 32.25 7.27 36.83
N THR D 14 31.59 8.17 36.10
CA THR D 14 30.37 7.82 35.40
C THR D 14 30.56 6.68 34.42
N ARG D 15 31.67 6.69 33.70
CA ARG D 15 31.88 5.68 32.66
C ARG D 15 32.02 4.29 33.28
N MET D 16 32.57 4.22 34.48
CA MET D 16 32.74 2.95 35.19
C MET D 16 31.37 2.45 35.68
N SER D 17 30.57 3.37 36.19
CA SER D 17 29.22 3.10 36.64
C SER D 17 28.39 2.46 35.53
N LEU D 18 28.50 3.03 34.32
CA LEU D 18 27.78 2.51 33.15
C LEU D 18 28.33 1.16 32.72
N ALA D 19 29.59 0.90 33.07
CA ALA D 19 30.22 -0.39 32.81
C ALA D 19 29.61 -1.45 33.73
N TYR D 20 29.43 -1.12 34.99
CA TYR D 20 28.88 -2.05 35.97
C TYR D 20 27.52 -2.55 35.52
N ASP D 21 26.93 -1.84 34.56
CA ASP D 21 25.49 -1.86 34.37
C ASP D 21 25.14 -2.55 33.05
N GLU D 22 26.07 -2.49 32.10
CA GLU D 22 26.22 -3.54 31.10
C GLU D 22 26.59 -4.87 31.75
N ALA D 23 27.55 -4.84 32.66
CA ALA D 23 28.14 -6.06 33.20
C ALA D 23 27.10 -6.91 33.90
N ILE D 24 26.38 -6.32 34.84
CA ILE D 24 25.38 -7.03 35.62
C ILE D 24 24.28 -7.61 34.72
N TYR D 25 24.05 -6.95 33.59
CA TYR D 25 23.00 -7.35 32.67
C TYR D 25 23.51 -8.40 31.69
N ARG D 26 24.77 -8.28 31.29
CA ARG D 26 25.34 -9.13 30.25
C ARG D 26 25.79 -10.47 30.83
N SER D 27 26.10 -10.48 32.13
CA SER D 27 26.56 -11.69 32.79
C SER D 27 25.40 -12.43 33.46
N PHE D 28 24.25 -11.77 33.52
CA PHE D 28 23.04 -12.39 34.09
C PHE D 28 22.67 -13.66 33.34
N GLN D 29 22.23 -14.67 34.09
CA GLN D 29 21.77 -15.92 33.50
C GLN D 29 20.31 -16.18 33.82
N TYR D 30 19.54 -16.56 32.81
CA TYR D 30 18.11 -16.82 32.98
C TYR D 30 17.86 -17.61 34.26
N GLY D 31 17.11 -17.00 35.18
CA GLY D 31 16.73 -17.67 36.41
C GLY D 31 17.63 -17.30 37.57
N ASP D 32 18.52 -16.33 37.34
CA ASP D 32 19.24 -15.68 38.43
C ASP D 32 18.32 -14.83 39.28
N LYS D 33 18.76 -14.54 40.51
CA LYS D 33 18.06 -13.57 41.35
C LYS D 33 17.98 -12.20 40.69
N PRO D 34 16.77 -11.67 40.60
CA PRO D 34 16.57 -10.31 40.07
C PRO D 34 17.44 -9.30 40.81
N ILE D 35 17.93 -8.30 40.08
CA ILE D 35 18.81 -7.27 40.65
C ILE D 35 18.14 -5.91 40.62
N LEU D 36 18.29 -5.17 41.72
CA LEU D 36 17.88 -3.78 41.79
C LEU D 36 19.05 -3.01 42.36
N ARG D 37 19.57 -2.07 41.57
CA ARG D 37 20.78 -1.30 41.89
C ARG D 37 20.51 0.20 41.85
N PHE D 38 20.86 0.90 42.92
CA PHE D 38 20.74 2.35 42.94
C PHE D 38 22.09 3.00 42.83
N TYR D 39 22.17 4.12 42.11
CA TYR D 39 23.45 4.76 41.91
C TYR D 39 23.30 6.23 41.51
N ARG D 40 24.32 7.02 41.82
CA ARG D 40 24.35 8.42 41.43
C ARG D 40 25.64 8.75 40.68
N HIS D 41 25.59 9.79 39.87
CA HIS D 41 26.74 10.28 39.15
C HIS D 41 26.88 11.73 39.49
N ASP D 42 28.12 12.20 39.64
CA ASP D 42 28.36 13.61 39.70
C ASP D 42 28.01 14.18 38.32
N ARG D 43 28.28 15.45 38.07
CA ARG D 43 27.91 16.13 36.83
C ARG D 43 28.31 15.28 35.64
N SER D 44 27.32 14.91 34.82
CA SER D 44 27.59 14.13 33.61
C SER D 44 26.41 14.24 32.65
N VAL D 45 26.69 14.16 31.36
CA VAL D 45 25.65 13.95 30.36
C VAL D 45 25.77 12.53 29.87
N ILE D 46 24.68 11.77 29.94
CA ILE D 46 24.65 10.41 29.46
C ILE D 46 23.86 10.39 28.16
N ILE D 47 24.49 10.00 27.06
CA ILE D 47 23.77 9.90 25.78
C ILE D 47 23.48 8.44 25.46
N GLY D 48 22.44 8.18 24.68
CA GLY D 48 22.12 6.83 24.27
C GLY D 48 23.13 6.25 23.30
N TYR D 49 23.10 4.94 23.17
CA TYR D 49 24.04 4.23 22.32
C TYR D 49 24.13 4.74 20.87
N PHE D 50 22.99 5.15 20.30
CA PHE D 50 22.95 5.49 18.87
C PHE D 50 23.13 6.97 18.59
N GLN D 51 23.34 7.76 19.63
CA GLN D 51 23.28 9.22 19.51
C GLN D 51 24.57 9.86 19.04
N VAL D 52 24.45 10.96 18.32
CA VAL D 52 25.60 11.76 17.91
C VAL D 52 25.89 12.80 19.00
N ALA D 53 26.98 12.59 19.73
CA ALA D 53 27.25 13.39 20.92
C ALA D 53 26.99 14.88 20.66
N GLU D 54 27.45 15.36 19.51
CA GLU D 54 27.47 16.79 19.23
C GLU D 54 26.07 17.30 18.89
N GLU D 55 25.21 16.40 18.45
CA GLU D 55 23.84 16.76 18.11
C GLU D 55 23.00 17.00 19.36
N GLU D 56 23.38 16.36 20.45
CA GLU D 56 22.48 16.15 21.58
C GLU D 56 22.84 17.06 22.74
N VAL D 57 24.10 17.47 22.81
CA VAL D 57 24.61 18.23 23.95
C VAL D 57 25.49 19.39 23.48
N ASP D 58 25.59 20.41 24.32
CA ASP D 58 26.51 21.52 24.07
C ASP D 58 27.89 21.24 24.64
N LEU D 59 28.78 20.74 23.80
CA LEU D 59 30.01 20.11 24.27
C LEU D 59 30.94 21.13 24.91
N ASP D 60 31.01 22.32 24.31
CA ASP D 60 31.79 23.42 24.87
C ASP D 60 31.34 23.74 26.30
N TYR D 61 30.04 24.01 26.46
CA TYR D 61 29.48 24.34 27.76
C TYR D 61 29.79 23.26 28.79
N MET D 62 29.84 22.02 28.34
CA MET D 62 30.16 20.90 29.22
C MET D 62 31.59 21.02 29.71
N LYS D 63 32.51 21.25 28.79
CA LYS D 63 33.91 21.30 29.14
C LYS D 63 34.14 22.39 30.19
N LYS D 64 33.55 23.56 29.96
CA LYS D 64 33.71 24.70 30.85
C LYS D 64 33.15 24.42 32.24
N ASN D 65 32.07 23.65 32.31
CA ASN D 65 31.38 23.39 33.59
C ASN D 65 31.77 22.06 34.27
N GLY D 66 32.79 21.40 33.75
CA GLY D 66 33.29 20.16 34.34
C GLY D 66 32.32 18.99 34.27
N ILE D 67 31.57 18.91 33.18
CA ILE D 67 30.58 17.85 33.01
C ILE D 67 31.11 16.74 32.12
N MET D 68 31.22 15.54 32.68
CA MET D 68 31.70 14.38 31.94
C MET D 68 30.67 13.91 30.92
N LEU D 69 31.14 13.52 29.74
CA LEU D 69 30.28 12.87 28.75
C LEU D 69 30.43 11.35 28.80
N ALA D 70 29.30 10.65 28.75
CA ALA D 70 29.30 9.20 28.78
C ALA D 70 28.19 8.63 27.91
N ARG D 71 28.49 7.56 27.19
CA ARG D 71 27.51 6.90 26.35
C ARG D 71 27.18 5.61 27.06
N ARG D 72 25.89 5.34 27.21
CA ARG D 72 25.45 4.14 27.95
C ARG D 72 25.11 3.01 26.99
N TYR D 73 24.89 1.82 27.54
CA TYR D 73 24.61 0.65 26.74
C TYR D 73 23.34 0.83 25.91
N THR D 74 22.30 1.38 26.54
CA THR D 74 20.96 1.35 25.97
C THR D 74 20.77 2.50 24.97
N GLY D 75 19.83 2.31 24.05
CA GLY D 75 19.39 3.40 23.19
C GLY D 75 18.64 4.47 23.96
N GLY D 76 17.85 5.27 23.25
CA GLY D 76 17.11 6.35 23.85
C GLY D 76 17.91 7.63 23.85
N GLY D 77 17.42 8.64 24.57
CA GLY D 77 17.94 9.98 24.51
C GLY D 77 18.90 10.42 25.60
N ALA D 78 19.28 11.69 25.54
CA ALA D 78 20.35 12.26 26.38
C ALA D 78 19.78 12.83 27.66
N VAL D 79 20.48 12.60 28.77
CA VAL D 79 20.08 13.12 30.07
C VAL D 79 21.24 13.72 30.83
N TYR D 80 20.93 14.66 31.71
CA TYR D 80 21.93 15.25 32.57
C TYR D 80 21.84 14.67 33.98
N HIS D 81 22.98 14.24 34.54
CA HIS D 81 22.99 13.78 35.93
C HIS D 81 23.85 14.66 36.81
N ASP D 82 23.38 14.90 38.04
CA ASP D 82 24.25 15.35 39.10
C ASP D 82 23.86 14.56 40.33
N LEU D 83 24.39 14.95 41.49
CA LEU D 83 24.23 14.18 42.71
C LEU D 83 22.80 14.30 43.24
N GLY D 84 22.01 15.16 42.63
CA GLY D 84 20.61 15.31 42.98
C GLY D 84 19.71 14.42 42.15
N ASP D 85 20.32 13.65 41.25
CA ASP D 85 19.58 12.69 40.44
C ASP D 85 19.83 11.26 40.90
N LEU D 86 18.75 10.54 41.21
CA LEU D 86 18.84 9.15 41.59
C LEU D 86 18.59 8.23 40.39
N ASN D 87 19.54 7.34 40.13
CA ASN D 87 19.40 6.37 39.05
C ASN D 87 19.22 4.97 39.61
N PHE D 88 18.51 4.14 38.88
CA PHE D 88 18.33 2.78 39.34
C PHE D 88 18.09 1.85 38.17
N SER D 89 18.56 0.62 38.30
CA SER D 89 18.46 -0.36 37.23
C SER D 89 17.94 -1.67 37.78
N VAL D 90 17.21 -2.40 36.95
CA VAL D 90 16.62 -3.69 37.29
C VAL D 90 16.96 -4.71 36.21
N VAL D 91 17.50 -5.85 36.62
CA VAL D 91 17.82 -6.93 35.70
C VAL D 91 17.16 -8.24 36.10
N ARG D 92 16.27 -8.73 35.25
CA ARG D 92 15.47 -9.92 35.57
C ARG D 92 15.54 -10.94 34.44
N SER D 93 15.20 -12.19 34.76
CA SER D 93 14.95 -13.19 33.75
C SER D 93 13.87 -12.73 32.77
N SER D 94 13.91 -13.28 31.56
CA SER D 94 12.98 -12.86 30.51
C SER D 94 12.59 -14.04 29.62
N ASP D 95 11.32 -14.09 29.23
CA ASP D 95 10.81 -15.16 28.39
C ASP D 95 10.25 -14.66 27.06
N ASP D 96 10.32 -13.36 26.84
CA ASP D 96 9.79 -12.77 25.62
C ASP D 96 10.61 -11.56 25.18
N MET D 97 10.25 -10.98 24.03
CA MET D 97 10.92 -9.79 23.57
C MET D 97 9.95 -8.60 23.58
N ASP D 98 8.97 -8.66 24.49
CA ASP D 98 7.97 -7.61 24.61
C ASP D 98 8.46 -6.45 25.48
N ILE D 99 9.20 -5.53 24.87
CA ILE D 99 9.81 -4.43 25.61
C ILE D 99 8.75 -3.48 26.14
N THR D 100 7.62 -3.38 25.44
CA THR D 100 6.51 -2.55 25.88
C THR D 100 6.01 -2.97 27.25
N SER D 101 5.79 -4.28 27.42
CA SER D 101 5.35 -4.81 28.70
C SER D 101 6.30 -4.44 29.83
N MET D 102 7.60 -4.45 29.52
CA MET D 102 8.62 -4.14 30.50
C MET D 102 8.43 -2.73 31.07
N PHE D 103 8.41 -1.74 30.17
CA PHE D 103 8.27 -0.36 30.58
C PHE D 103 6.97 -0.14 31.36
N ARG D 104 5.89 -0.78 30.91
CA ARG D 104 4.62 -0.70 31.59
C ARG D 104 4.79 -1.15 33.03
N THR D 105 5.50 -2.25 33.21
CA THR D 105 5.64 -2.89 34.52
C THR D 105 6.53 -2.10 35.48
N MET D 106 7.66 -1.65 34.97
CA MET D 106 8.58 -0.87 35.78
C MET D 106 7.90 0.43 36.16
N ASN D 107 7.15 1.01 35.21
CA ASN D 107 6.43 2.23 35.47
C ASN D 107 5.39 2.06 36.58
N GLU D 108 4.65 0.95 36.53
CA GLU D 108 3.71 0.66 37.62
C GLU D 108 4.44 0.72 38.96
N ALA D 109 5.60 0.08 39.04
CA ALA D 109 6.41 0.11 40.26
C ALA D 109 6.83 1.51 40.70
N VAL D 110 7.23 2.35 39.73
CA VAL D 110 7.65 3.71 40.04
C VAL D 110 6.49 4.54 40.55
N VAL D 111 5.32 4.38 39.93
CA VAL D 111 4.13 5.12 40.32
C VAL D 111 3.69 4.74 41.73
N ASN D 112 3.75 3.45 42.05
CA ASN D 112 3.45 2.97 43.39
C ASN D 112 4.48 3.44 44.41
N SER D 113 5.75 3.34 44.06
CA SER D 113 6.82 3.88 44.89
C SER D 113 6.56 5.33 45.26
N LEU D 114 6.28 6.16 44.26
CA LEU D 114 6.06 7.59 44.47
C LEU D 114 4.78 7.83 45.29
N ARG D 115 3.89 6.85 45.29
CA ARG D 115 2.70 6.90 46.13
C ARG D 115 3.08 6.95 47.61
N ILE D 116 3.83 5.95 48.06
CA ILE D 116 4.31 5.91 49.44
C ILE D 116 4.88 7.25 49.86
N LEU D 117 5.52 7.94 48.92
CA LEU D 117 6.10 9.26 49.18
C LEU D 117 5.03 10.34 49.21
N GLY D 118 3.86 10.02 48.67
CA GLY D 118 2.76 10.97 48.61
C GLY D 118 2.82 11.85 47.39
N LEU D 119 3.44 11.36 46.33
CA LEU D 119 3.52 12.10 45.07
C LEU D 119 2.76 11.37 43.97
N ASP D 120 1.75 12.03 43.41
CA ASP D 120 0.98 11.47 42.31
C ASP D 120 1.70 11.68 40.97
N ALA D 121 1.97 10.59 40.26
CA ALA D 121 2.62 10.64 38.96
C ALA D 121 2.20 9.48 38.07
N ARG D 122 2.39 9.64 36.78
CA ARG D 122 2.05 8.59 35.82
C ARG D 122 3.02 8.57 34.64
N PRO D 123 3.23 7.38 34.08
CA PRO D 123 3.87 7.26 32.76
C PRO D 123 3.21 8.17 31.73
N GLY D 124 4.01 8.76 30.86
CA GLY D 124 3.50 9.61 29.80
C GLY D 124 2.68 8.85 28.79
N GLU D 125 2.06 9.57 27.86
CA GLU D 125 1.05 9.00 27.00
C GLU D 125 1.46 8.86 25.52
N LEU D 126 2.56 9.49 25.13
CA LEU D 126 2.94 9.57 23.73
C LEU D 126 3.89 8.43 23.35
N ASN D 127 3.82 8.00 22.10
CA ASN D 127 4.72 6.98 21.59
C ASN D 127 6.02 7.57 21.05
N ASP D 128 5.91 8.73 20.41
CA ASP D 128 7.03 9.32 19.68
C ASP D 128 8.28 9.37 20.55
N VAL D 129 9.29 8.60 20.17
CA VAL D 129 10.49 8.45 20.99
C VAL D 129 11.25 9.76 21.10
N SER D 130 10.90 10.72 20.26
CA SER D 130 11.78 11.84 19.96
C SER D 130 11.29 13.13 20.61
N ILE D 131 10.16 13.04 21.32
CA ILE D 131 9.64 14.17 22.08
C ILE D 131 10.31 14.20 23.47
N PRO D 132 10.64 15.40 23.96
CA PRO D 132 11.39 15.54 25.21
C PRO D 132 10.65 14.98 26.44
N VAL D 133 9.33 15.16 26.50
CA VAL D 133 8.55 14.77 27.67
C VAL D 133 7.21 14.16 27.26
N ASN D 134 6.52 13.55 28.23
CA ASN D 134 5.22 12.90 27.99
C ASN D 134 5.29 11.65 27.11
N LYS D 135 6.44 10.97 27.13
CA LYS D 135 6.57 9.66 26.51
C LYS D 135 6.14 8.56 27.47
N LYS D 136 5.87 7.37 26.92
CA LYS D 136 5.42 6.25 27.73
C LYS D 136 6.57 5.63 28.51
N THR D 137 7.77 6.18 28.32
CA THR D 137 8.93 5.77 29.11
C THR D 137 9.28 6.83 30.15
N ASP D 138 8.64 7.99 30.04
CA ASP D 138 8.80 9.05 31.04
C ASP D 138 7.80 8.86 32.18
N ILE D 139 8.19 9.31 33.37
CA ILE D 139 7.28 9.45 34.47
C ILE D 139 6.97 10.93 34.65
N MET D 140 5.70 11.27 34.69
CA MET D 140 5.24 12.65 34.64
C MET D 140 4.47 13.02 35.92
N ALA D 141 4.86 14.12 36.53
CA ALA D 141 4.07 14.71 37.62
C ALA D 141 3.19 15.76 36.97
N GLY D 142 1.97 15.39 36.59
CA GLY D 142 1.19 16.27 35.73
C GLY D 142 1.95 16.58 34.44
N GLU D 143 2.05 17.86 34.12
CA GLU D 143 2.68 18.27 32.87
C GLU D 143 4.22 18.23 32.90
N LYS D 144 4.81 17.93 34.06
CA LYS D 144 6.28 17.95 34.21
C LYS D 144 6.92 16.56 34.28
N LYS D 145 8.00 16.38 33.53
CA LYS D 145 8.74 15.13 33.59
C LYS D 145 9.65 15.10 34.82
N ILE D 146 9.60 14.00 35.58
CA ILE D 146 10.46 13.88 36.76
C ILE D 146 11.43 12.70 36.63
N MET D 147 11.18 11.84 35.66
CA MET D 147 11.98 10.65 35.48
C MET D 147 11.96 10.17 34.04
N GLY D 148 13.10 9.70 33.53
CA GLY D 148 13.12 9.01 32.24
C GLY D 148 13.71 7.63 32.40
N ALA D 149 13.53 6.80 31.39
CA ALA D 149 14.02 5.43 31.42
C ALA D 149 14.43 4.95 30.04
N ALA D 150 15.27 3.93 30.02
CA ALA D 150 15.67 3.24 28.80
C ALA D 150 15.83 1.77 29.12
N GLY D 151 15.88 0.93 28.09
CA GLY D 151 15.93 -0.51 28.33
C GLY D 151 16.55 -1.32 27.22
N ALA D 152 16.82 -2.58 27.53
CA ALA D 152 17.32 -3.54 26.56
C ALA D 152 16.81 -4.93 26.90
N MET D 153 16.72 -5.79 25.88
CA MET D 153 16.27 -7.16 26.08
C MET D 153 17.10 -8.11 25.25
N ARG D 154 17.23 -9.33 25.74
CA ARG D 154 17.96 -10.37 25.04
C ARG D 154 17.38 -11.70 25.48
N LYS D 155 17.77 -12.77 24.80
CA LYS D 155 17.29 -14.08 25.17
C LYS D 155 17.62 -14.35 26.64
N GLY D 156 16.59 -14.50 27.46
CA GLY D 156 16.76 -14.89 28.86
C GLY D 156 16.89 -13.76 29.88
N ALA D 157 17.10 -12.54 29.40
CA ALA D 157 17.40 -11.41 30.29
C ALA D 157 16.85 -10.08 29.76
N LYS D 158 16.44 -9.20 30.67
CA LYS D 158 16.04 -7.85 30.28
C LYS D 158 16.59 -6.79 31.23
N LEU D 159 16.90 -5.62 30.67
CA LEU D 159 17.43 -4.52 31.46
C LEU D 159 16.54 -3.29 31.34
N TRP D 160 16.23 -2.67 32.47
CA TRP D 160 15.54 -1.39 32.48
C TRP D 160 16.05 -0.49 33.61
N HIS D 161 16.56 0.68 33.24
CA HIS D 161 17.15 1.59 34.20
C HIS D 161 16.65 3.02 33.98
N ALA D 162 16.52 3.77 35.07
CA ALA D 162 15.84 5.07 35.03
C ALA D 162 16.65 6.14 35.76
N ALA D 163 16.38 7.39 35.43
CA ALA D 163 17.04 8.51 36.10
C ALA D 163 15.92 9.41 36.58
N MET D 164 15.91 9.65 37.88
CA MET D 164 14.86 10.41 38.53
C MET D 164 15.42 11.70 39.10
N LEU D 165 14.77 12.81 38.76
CA LEU D 165 15.17 14.13 39.21
C LEU D 165 14.68 14.36 40.63
N VAL D 166 15.59 14.38 41.61
CA VAL D 166 15.16 14.55 43.00
C VAL D 166 15.51 15.95 43.48
N HIS D 167 16.79 16.32 43.38
CA HIS D 167 17.16 17.71 43.59
C HIS D 167 18.31 18.12 42.65
N THR D 168 18.12 17.88 41.36
CA THR D 168 19.11 18.18 40.35
C THR D 168 19.04 19.66 39.97
N ASP D 169 20.18 20.23 39.58
CA ASP D 169 20.26 21.60 39.10
C ASP D 169 19.61 21.64 37.71
N LEU D 170 18.34 22.01 37.67
CA LEU D 170 17.57 21.95 36.42
C LEU D 170 18.05 22.97 35.40
N ASP D 171 18.72 24.01 35.85
CA ASP D 171 19.18 25.08 34.97
C ASP D 171 20.37 24.64 34.13
N MET D 172 21.32 23.99 34.78
CA MET D 172 22.46 23.42 34.07
C MET D 172 22.04 22.25 33.18
N LEU D 173 21.18 21.39 33.72
CA LEU D 173 20.49 20.40 32.90
C LEU D 173 19.98 21.01 31.60
N SER D 174 19.29 22.14 31.72
CA SER D 174 18.65 22.78 30.58
C SER D 174 19.68 23.38 29.63
N ALA D 175 20.83 23.77 30.18
CA ALA D 175 21.86 24.43 29.40
C ALA D 175 22.76 23.47 28.61
N VAL D 176 22.98 22.28 29.16
CA VAL D 176 23.93 21.33 28.58
C VAL D 176 23.26 20.45 27.53
N LEU D 177 21.94 20.35 27.60
CA LEU D 177 21.18 19.57 26.63
C LEU D 177 20.68 20.46 25.49
N LYS D 178 21.25 20.25 24.30
CA LYS D 178 20.85 21.00 23.12
C LYS D 178 21.44 20.39 21.85
N ARG D 193 13.93 23.98 30.58
CA ARG D 193 13.74 23.89 32.03
C ARG D 193 12.25 23.91 32.38
N GLU D 194 11.42 24.22 31.40
CA GLU D 194 10.01 24.54 31.65
C GLU D 194 9.15 23.28 31.65
N ARG D 195 9.75 22.17 31.22
CA ARG D 195 9.02 20.90 31.14
C ARG D 195 9.55 19.81 32.07
N VAL D 196 10.61 20.10 32.82
CA VAL D 196 11.10 19.14 33.81
C VAL D 196 10.93 19.71 35.21
N ALA D 197 10.92 18.82 36.21
CA ALA D 197 10.80 19.23 37.60
C ALA D 197 11.50 18.22 38.50
N ASN D 198 11.78 18.64 39.73
CA ASN D 198 12.39 17.77 40.72
C ASN D 198 11.30 17.17 41.58
N VAL D 199 11.58 15.99 42.13
CA VAL D 199 10.64 15.38 43.06
C VAL D 199 10.44 16.30 44.25
N THR D 200 11.50 16.97 44.68
CA THR D 200 11.42 17.91 45.81
C THR D 200 10.77 19.23 45.44
N ASP D 201 10.21 19.32 44.24
CA ASP D 201 9.41 20.47 43.85
C ASP D 201 7.97 20.24 44.28
N PHE D 202 7.65 19.00 44.64
CA PHE D 202 6.29 18.62 45.02
C PHE D 202 6.20 18.11 46.45
N VAL D 203 7.27 17.48 46.94
CA VAL D 203 7.23 16.90 48.28
C VAL D 203 8.60 16.97 48.95
N ASP D 204 8.59 17.16 50.27
CA ASP D 204 9.82 17.34 51.03
C ASP D 204 10.46 16.00 51.37
N VAL D 205 11.34 15.52 50.50
CA VAL D 205 11.95 14.21 50.67
C VAL D 205 13.46 14.29 50.54
N SER D 206 14.16 13.30 51.09
CA SER D 206 15.57 13.10 50.79
C SER D 206 15.76 12.06 49.69
N ILE D 207 16.97 11.99 49.15
CA ILE D 207 17.33 10.94 48.21
C ILE D 207 17.19 9.56 48.85
N ASP D 208 17.49 9.47 50.14
CA ASP D 208 17.39 8.23 50.88
C ASP D 208 15.93 7.80 51.03
N GLU D 209 15.05 8.77 51.21
CA GLU D 209 13.62 8.50 51.33
C GLU D 209 13.03 8.01 50.01
N VAL D 210 13.44 8.66 48.92
CA VAL D 210 12.99 8.26 47.59
C VAL D 210 13.46 6.85 47.27
N ARG D 211 14.73 6.56 47.57
CA ARG D 211 15.28 5.23 47.37
C ARG D 211 14.52 4.18 48.15
N ASN D 212 14.32 4.44 49.44
CA ASN D 212 13.59 3.52 50.31
C ASN D 212 12.18 3.23 49.78
N ALA D 213 11.48 4.29 49.37
CA ALA D 213 10.15 4.15 48.78
C ALA D 213 10.20 3.30 47.52
N LEU D 214 11.23 3.51 46.71
CA LEU D 214 11.42 2.72 45.49
C LEU D 214 11.69 1.25 45.83
N ILE D 215 12.60 1.00 46.77
CA ILE D 215 12.80 -0.38 47.24
C ILE D 215 11.47 -1.03 47.61
N ARG D 216 10.62 -0.27 48.28
CA ARG D 216 9.33 -0.77 48.77
C ARG D 216 8.33 -1.00 47.64
N GLY D 217 8.20 -0.03 46.74
CA GLY D 217 7.21 -0.16 45.67
C GLY D 217 7.59 -1.25 44.69
N PHE D 218 8.88 -1.37 44.43
CA PHE D 218 9.35 -2.41 43.52
C PHE D 218 9.21 -3.79 44.14
N SER D 219 9.51 -3.89 45.43
CA SER D 219 9.35 -5.15 46.15
C SER D 219 7.92 -5.65 46.09
N GLU D 220 6.97 -4.74 46.31
CA GLU D 220 5.56 -5.09 46.34
C GLU D 220 5.04 -5.40 44.95
N THR D 221 5.26 -4.48 44.02
CA THR D 221 4.69 -4.58 42.68
C THR D 221 5.24 -5.80 41.96
N LEU D 222 6.47 -6.17 42.29
CA LEU D 222 7.11 -7.29 41.62
C LEU D 222 7.03 -8.56 42.49
N HIS D 223 6.67 -8.39 43.76
CA HIS D 223 6.70 -9.50 44.71
C HIS D 223 8.10 -10.07 44.84
N ILE D 224 9.12 -9.22 44.93
CA ILE D 224 10.50 -9.64 45.13
C ILE D 224 11.00 -9.24 46.52
N ASP D 225 11.63 -10.19 47.21
CA ASP D 225 12.26 -9.90 48.49
C ASP D 225 13.70 -9.44 48.26
N PHE D 226 13.90 -8.12 48.23
CA PHE D 226 15.21 -7.55 47.95
C PHE D 226 16.06 -7.46 49.21
N ARG D 227 17.17 -8.19 49.21
CA ARG D 227 18.09 -8.17 50.34
C ARG D 227 19.43 -7.62 49.89
N GLU D 228 20.04 -6.80 50.74
CA GLU D 228 21.29 -6.14 50.40
C GLU D 228 22.37 -7.16 50.03
N ASP D 229 23.05 -6.93 48.92
CA ASP D 229 24.07 -7.85 48.42
C ASP D 229 25.14 -7.07 47.69
N THR D 230 26.31 -7.68 47.49
CA THR D 230 27.40 -7.04 46.78
C THR D 230 27.63 -7.69 45.42
N ILE D 231 28.52 -7.13 44.61
CA ILE D 231 28.76 -7.66 43.27
C ILE D 231 29.55 -8.97 43.32
N THR D 232 29.35 -9.83 42.33
CA THR D 232 30.15 -11.05 42.25
C THR D 232 31.50 -10.77 41.58
N GLU D 233 32.44 -11.71 41.74
CA GLU D 233 33.71 -11.64 41.04
C GLU D 233 33.52 -11.70 39.53
N LYS D 234 32.61 -12.56 39.08
CA LYS D 234 32.28 -12.68 37.67
C LYS D 234 31.81 -11.34 37.11
N GLU D 235 30.80 -10.76 37.75
CA GLU D 235 30.27 -9.47 37.32
C GLU D 235 31.34 -8.39 37.35
N GLU D 236 32.08 -8.32 38.45
CA GLU D 236 33.05 -7.26 38.65
C GLU D 236 34.19 -7.36 37.64
N SER D 237 34.56 -8.59 37.30
CA SER D 237 35.59 -8.82 36.29
C SER D 237 35.13 -8.33 34.92
N LEU D 238 33.91 -8.69 34.54
CA LEU D 238 33.34 -8.23 33.28
C LEU D 238 33.34 -6.71 33.20
N ALA D 239 32.85 -6.06 34.26
CA ALA D 239 32.73 -4.61 34.28
C ALA D 239 34.09 -3.94 34.06
N ARG D 240 35.09 -4.41 34.79
CA ARG D 240 36.42 -3.81 34.74
C ARG D 240 37.06 -4.00 33.37
N GLU D 241 36.75 -5.11 32.73
CA GLU D 241 37.19 -5.37 31.36
C GLU D 241 36.42 -4.52 30.36
N LEU D 242 35.13 -4.33 30.63
CA LEU D 242 34.28 -3.50 29.78
C LEU D 242 34.73 -2.05 29.82
N PHE D 243 35.20 -1.61 30.99
CA PHE D 243 35.64 -0.23 31.16
C PHE D 243 36.97 0.02 30.46
N ASP D 244 37.88 -0.95 30.56
CA ASP D 244 39.20 -0.82 29.98
C ASP D 244 39.14 -0.79 28.45
N LYS D 245 38.44 -1.76 27.88
CA LYS D 245 38.33 -1.86 26.43
C LYS D 245 37.48 -0.74 25.85
N LYS D 246 36.36 -0.45 26.51
CA LYS D 246 35.26 0.25 25.87
C LYS D 246 34.98 1.59 26.57
N TYR D 247 34.43 1.52 27.78
CA TYR D 247 33.73 2.65 28.36
C TYR D 247 34.70 3.76 28.76
N SER D 248 35.98 3.41 28.86
CA SER D 248 37.01 4.36 29.26
C SER D 248 37.59 5.08 28.05
N THR D 249 37.19 4.64 26.85
CA THR D 249 37.80 5.13 25.61
C THR D 249 37.06 6.32 25.02
N GLU D 250 37.82 7.28 24.51
CA GLU D 250 37.21 8.41 23.81
C GLU D 250 36.50 7.89 22.57
N GLU D 251 36.95 6.75 22.07
CA GLU D 251 36.41 6.16 20.85
C GLU D 251 34.96 5.72 21.04
N TRP D 252 34.69 5.02 22.14
CA TRP D 252 33.33 4.56 22.47
C TRP D 252 32.38 5.73 22.75
N ASN D 253 32.83 6.66 23.59
CA ASN D 253 31.97 7.73 24.06
C ASN D 253 31.67 8.77 22.98
N MET D 254 32.70 9.12 22.23
CA MET D 254 32.60 10.24 21.28
C MET D 254 32.28 9.72 19.87
N GLY D 255 32.45 8.43 19.66
CA GLY D 255 32.19 7.83 18.37
C GLY D 255 33.23 8.22 17.33
#